data_9AS0
#
_entry.id   9AS0
#
_cell.length_a   1.00
_cell.length_b   1.00
_cell.length_c   1.00
_cell.angle_alpha   90.00
_cell.angle_beta   90.00
_cell.angle_gamma   90.00
#
_symmetry.space_group_name_H-M   'P 1'
#
loop_
_entity.id
_entity.type
_entity.pdbx_description
1 polymer '5-hydroxytryptamine receptor 2A'
2 polymer 'G subunit q (Gi2-mini-Gq chimeric)'
3 polymer 'Guanine nucleotide-binding protein G(I)/G(S)/G(T) subunit beta-1'
4 polymer 'Guanine nucleotide-binding protein G(I)/G(S)/G(O) subunit gamma-2'
5 polymer 'single chain Fab (svFv16)'
6 non-polymer 2-bromo-N,N-diethyl-6-methyl-9,10-didehydroergoline-8beta-carboxamide
#
loop_
_entity_poly.entity_id
_entity_poly.type
_entity_poly.pdbx_seq_one_letter_code
_entity_poly.pdbx_strand_id
1 'polypeptide(L)'
;MDILCEENTSLSSTTNSLMQLNDDTRLYSNDFNSGEANTSDAFNWTVDSENRTNLSCEGCLSPSCLSLLHLQEKNWSALL
TAVVIILTIAGNILVIMAVSLEKKLQNATNYFLMSLAIADMLLGFLVMPVSMLTILYGYRWPLPSKLCAVWIYLDVLFST
ASIMHLCAISLDRYVAIQNPIHHSRFNSRTKAFLKIIAVWTISVGISMPIPVFGLQDDSKVFKEGSCLLADDNFVLIGSF
VSFFIPLTIMVITYFLTIKSLQKEATLCVSDLGTRAKLASFSFLPQSSLSSEKLFQRSIHREPGSYTGRRTMQSISNEQK
ACKVLGIVFFLFVVMWCPFFITNIMAVICKESCNEDVIGALLNVFVWIGYLSSAVNPLVYTLFNKTYRSAFSRYIQCQYK
ENKKPLQLILVNTIPALAYKSSQLQMGQKKNSKQDAKTTDNDCSMVALGKQHSEEASKDNSDGVNEKVSCV
;
A
2 'polypeptide(L)'
;MGSTVSAEDKAAAERSKMIDKNLREDGEKARRTLRLLLLGADNSGKSTIVKQMRILHGGSGGSGGTSGIFETKFQVDKVN
FHMFDVGGQRDERRKWIQCFNDVTAIIFVVDSSDYNRLQEALNDFKSIWNNRWLRTISVILFLNKQDLLAEKVLAGKSKI
EDYFPEFARYTTPEDATPEPGEDPRVTRAKYFIRKEFVDISTASGDGRHICYPHFTCAVDTENARRIFNDCKDIILQMNL
REYNLV
;
B
3 'polypeptide(L)'
;MHHHHHHLEVLFQGPGSSGSELDQLRQEAEQLKNQIRDARKACADATLSQITNNIDPVGRIQMRTRRTLRGHLAKIYAMH
WGTDSRLLVSASQDGKLIIWDSYTTNKVHAIPLRSSWVMTCAYAPSGNYVACGGLDNICSIYNLKTREGNVRVSRELAGH
TGYLSCCRFLDDNQIVTSSGDTTCALWDIETGQQTTTFTGHTGDVMSLSLAPDTRLFVSGACDASAKLWDVREGMCRQTF
TGHESDINAICFFPNGNAFATGSDDATCRLFDLRADQELMTYSHDNIICGITSVSFSKSGRLLLAGYDDFNCNVWDALKA
DRAGVLAGHDNRVSCLGVTDDGMAVATGSWDSFLKIWN
;
C
4 'polypeptide(L)' MASNNTASIAQARKLVEQLKMEANIDRIKVSKAAADLMAYCEAHAKEDPLLTPVPASENPFREKKFFCAIL D
5 'polypeptide(L)'
;DVQLVESGGGLVQPGGSRKLSCSASGFAFSSFGMHWVRQAPEKGLEWVAYISSGSGTIYYADTVKGRFTISRDDPKNTLF
LQMTSLRSEDTAMYYCVRSIYYYGSSPFDFWGQGTTLTVSSGGGGSGGGGSGGGGSDIVMTQATSSVPVTPGESVSISCR
SSKSLLHSNGNTYLYWFLQRPGQSPQLLIYRMSNLASGVPDRFSGSGSGTAFTLTISRLEAEDVGVYYCMQHLEYPLTFG
AGTKLELKAAALEVLFQGPHHHHHHHH
;
E
#
# COMPACT_ATOMS: atom_id res chain seq x y z
N LEU A 80 31.47 23.95 -34.95
CA LEU A 80 31.89 23.48 -33.63
C LEU A 80 30.87 23.89 -32.57
N THR A 81 30.43 25.15 -32.63
CA THR A 81 29.45 25.63 -31.66
C THR A 81 28.13 24.90 -31.79
N ALA A 82 27.68 24.62 -33.02
CA ALA A 82 26.41 23.93 -33.22
C ALA A 82 26.41 22.52 -32.64
N VAL A 83 27.58 21.90 -32.49
CA VAL A 83 27.65 20.55 -31.93
C VAL A 83 27.21 20.56 -30.48
N VAL A 84 27.54 21.64 -29.74
CA VAL A 84 27.26 21.66 -28.31
C VAL A 84 25.76 21.74 -28.06
N ILE A 85 25.05 22.53 -28.87
CA ILE A 85 23.60 22.67 -28.69
C ILE A 85 22.90 21.34 -28.93
N ILE A 86 23.27 20.65 -30.02
CA ILE A 86 22.66 19.36 -30.35
C ILE A 86 22.96 18.35 -29.24
N LEU A 87 24.20 18.31 -28.78
CA LEU A 87 24.57 17.39 -27.70
C LEU A 87 23.75 17.68 -26.45
N THR A 88 23.56 18.97 -26.13
CA THR A 88 22.74 19.34 -24.97
C THR A 88 21.33 18.81 -25.08
N ILE A 89 20.65 19.10 -26.20
CA ILE A 89 19.24 18.72 -26.33
C ILE A 89 19.12 17.20 -26.30
N ALA A 90 20.01 16.50 -27.00
CA ALA A 90 19.91 15.05 -27.06
C ALA A 90 20.18 14.43 -25.69
N GLY A 91 21.27 14.84 -25.03
CA GLY A 91 21.62 14.27 -23.75
C GLY A 91 20.64 14.60 -22.65
N ASN A 92 19.89 15.69 -22.78
CA ASN A 92 18.86 16.00 -21.80
C ASN A 92 17.54 15.28 -22.09
N ILE A 93 17.14 15.22 -23.36
CA ILE A 93 15.93 14.48 -23.72
C ILE A 93 16.10 12.99 -23.39
N LEU A 94 17.32 12.47 -23.50
CA LEU A 94 17.54 11.06 -23.16
C LEU A 94 17.24 10.78 -21.69
N VAL A 95 17.74 11.62 -20.78
CA VAL A 95 17.43 11.42 -19.37
C VAL A 95 15.98 11.73 -19.05
N ILE A 96 15.37 12.69 -19.77
CA ILE A 96 13.93 12.93 -19.61
C ILE A 96 13.15 11.65 -19.90
N MET A 97 13.44 11.02 -21.04
CA MET A 97 12.74 9.80 -21.41
C MET A 97 13.12 8.62 -20.51
N ALA A 98 14.35 8.58 -20.02
CA ALA A 98 14.79 7.49 -19.15
C ALA A 98 14.16 7.53 -17.78
N VAL A 99 13.93 8.72 -17.23
CA VAL A 99 13.27 8.83 -15.93
C VAL A 99 11.76 8.75 -16.08
N SER A 100 11.20 9.31 -17.17
CA SER A 100 9.72 9.36 -17.30
C SER A 100 9.14 8.03 -17.81
N LEU A 101 9.94 7.20 -18.47
CA LEU A 101 9.44 5.95 -19.06
C LEU A 101 10.27 4.76 -18.64
N GLU A 102 10.57 4.65 -17.34
CA GLU A 102 11.29 3.50 -16.80
C GLU A 102 10.92 3.36 -15.34
N LYS A 103 10.21 2.27 -15.00
CA LYS A 103 9.68 2.10 -13.65
C LYS A 103 10.79 1.94 -12.62
N LYS A 104 11.87 1.24 -12.97
CA LYS A 104 12.94 0.97 -12.01
C LYS A 104 13.64 2.24 -11.53
N LEU A 105 13.61 3.31 -12.32
CA LEU A 105 14.33 4.55 -12.02
C LEU A 105 13.44 5.62 -11.40
N GLN A 106 12.20 5.30 -11.03
CA GLN A 106 11.31 6.26 -10.39
C GLN A 106 11.66 6.30 -8.91
N ASN A 107 12.54 7.22 -8.54
CA ASN A 107 13.01 7.36 -7.16
C ASN A 107 13.13 8.85 -6.84
N ALA A 108 13.31 9.15 -5.55
CA ALA A 108 13.44 10.53 -5.14
C ALA A 108 14.68 11.20 -5.73
N THR A 109 15.81 10.49 -5.76
CA THR A 109 17.03 11.06 -6.33
C THR A 109 16.88 11.29 -7.83
N ASN A 110 16.19 10.37 -8.51
CA ASN A 110 16.02 10.49 -9.98
C ASN A 110 15.13 11.70 -10.31
N TYR A 111 14.28 12.13 -9.37
CA TYR A 111 13.48 13.33 -9.62
C TYR A 111 14.30 14.60 -9.47
N PHE A 112 15.26 14.65 -8.54
CA PHE A 112 16.15 15.80 -8.53
C PHE A 112 17.04 15.81 -9.77
N LEU A 113 17.44 14.63 -10.23
CA LEU A 113 18.20 14.54 -11.49
C LEU A 113 17.29 15.05 -12.61
N MET A 114 16.01 14.69 -12.56
CA MET A 114 15.04 15.15 -13.55
C MET A 114 14.97 16.67 -13.58
N SER A 115 14.96 17.29 -12.39
CA SER A 115 14.95 18.75 -12.32
C SER A 115 16.22 19.34 -12.91
N LEU A 116 17.38 18.76 -12.59
CA LEU A 116 18.64 19.21 -13.19
C LEU A 116 18.60 19.09 -14.70
N ALA A 117 18.06 17.98 -15.19
CA ALA A 117 17.96 17.76 -16.63
C ALA A 117 17.03 18.78 -17.27
N ILE A 118 15.96 19.15 -16.57
CA ILE A 118 15.05 20.18 -17.09
C ILE A 118 15.77 21.52 -17.18
N ALA A 119 16.56 21.85 -16.15
CA ALA A 119 17.31 23.11 -16.17
C ALA A 119 18.27 23.16 -17.35
N ASP A 120 19.07 22.11 -17.53
CA ASP A 120 20.01 22.08 -18.65
C ASP A 120 19.28 21.99 -19.99
N MET A 121 18.11 21.34 -20.03
CA MET A 121 17.31 21.29 -21.24
C MET A 121 16.90 22.69 -21.68
N LEU A 122 16.34 23.47 -20.75
CA LEU A 122 15.95 24.83 -21.08
C LEU A 122 17.16 25.68 -21.44
N LEU A 123 18.29 25.45 -20.76
CA LEU A 123 19.51 26.18 -21.10
C LEU A 123 19.99 25.85 -22.51
N GLY A 124 19.74 24.62 -22.96
CA GLY A 124 20.19 24.22 -24.27
C GLY A 124 19.35 24.71 -25.44
N PHE A 125 18.23 25.38 -25.17
CA PHE A 125 17.34 25.87 -26.21
C PHE A 125 17.07 27.37 -26.12
N LEU A 126 16.93 27.91 -24.92
CA LEU A 126 16.60 29.32 -24.75
C LEU A 126 17.81 30.24 -24.71
N VAL A 127 19.03 29.69 -24.67
CA VAL A 127 20.26 30.47 -24.48
C VAL A 127 21.25 30.16 -25.59
N MET A 128 21.60 28.88 -25.73
CA MET A 128 22.70 28.47 -26.59
C MET A 128 22.47 28.82 -28.07
N PRO A 129 21.28 28.61 -28.64
CA PRO A 129 21.05 29.12 -30.01
C PRO A 129 21.27 30.61 -30.14
N VAL A 130 20.86 31.39 -29.13
CA VAL A 130 21.05 32.84 -29.18
C VAL A 130 22.53 33.18 -29.07
N SER A 131 23.27 32.45 -28.24
CA SER A 131 24.71 32.67 -28.13
C SER A 131 25.41 32.35 -29.44
N MET A 132 25.01 31.26 -30.10
CA MET A 132 25.55 30.94 -31.42
C MET A 132 25.20 32.03 -32.43
N LEU A 133 23.99 32.58 -32.35
CA LEU A 133 23.62 33.70 -33.21
C LEU A 133 24.54 34.89 -32.97
N THR A 134 24.83 35.20 -31.72
CA THR A 134 25.71 36.31 -31.39
C THR A 134 27.11 36.08 -31.97
N ILE A 135 27.63 34.85 -31.83
CA ILE A 135 28.95 34.55 -32.38
C ILE A 135 28.94 34.66 -33.89
N LEU A 136 27.89 34.16 -34.54
CA LEU A 136 27.82 34.20 -35.99
C LEU A 136 27.76 35.62 -36.52
N TYR A 137 26.91 36.46 -35.90
CA TYR A 137 26.77 37.84 -36.35
C TYR A 137 27.96 38.68 -35.89
N GLY A 138 28.43 38.44 -34.66
CA GLY A 138 29.43 39.28 -34.04
C GLY A 138 28.86 40.06 -32.88
N TYR A 139 29.53 41.16 -32.55
CA TYR A 139 29.05 42.02 -31.47
C TYR A 139 27.71 42.65 -31.81
N ARG A 140 27.55 43.14 -33.05
CA ARG A 140 26.27 43.68 -33.47
C ARG A 140 25.21 42.60 -33.45
N TRP A 141 24.06 42.93 -32.87
CA TRP A 141 23.05 41.94 -32.52
C TRP A 141 21.77 42.25 -33.29
N PRO A 142 21.27 41.36 -34.15
CA PRO A 142 20.05 41.72 -34.91
C PRO A 142 18.79 41.79 -34.05
N LEU A 143 18.76 41.07 -32.93
CA LEU A 143 17.56 41.07 -32.10
C LEU A 143 17.38 42.44 -31.44
N PRO A 144 16.14 42.80 -31.02
CA PRO A 144 15.85 44.15 -30.45
C PRO A 144 16.65 44.39 -29.18
N SER A 145 17.02 45.65 -28.96
CA SER A 145 17.76 46.02 -27.77
C SER A 145 16.98 45.75 -26.49
N LYS A 146 15.66 45.82 -26.53
CA LYS A 146 14.86 45.54 -25.34
C LYS A 146 15.00 44.10 -24.87
N LEU A 147 15.33 43.18 -25.79
CA LEU A 147 15.42 41.76 -25.47
C LEU A 147 16.75 41.37 -24.85
N CYS A 148 17.74 42.27 -24.83
CA CYS A 148 19.05 41.90 -24.27
C CYS A 148 18.96 41.65 -22.78
N ALA A 149 18.12 42.39 -22.07
CA ALA A 149 18.05 42.27 -20.62
C ALA A 149 17.57 40.91 -20.16
N VAL A 150 16.58 40.32 -20.83
CA VAL A 150 16.01 39.06 -20.40
C VAL A 150 16.80 37.85 -20.87
N TRP A 151 17.52 37.96 -22.00
CA TRP A 151 18.34 36.85 -22.46
C TRP A 151 19.55 36.62 -21.55
N ILE A 152 20.11 37.69 -20.99
CA ILE A 152 21.15 37.54 -19.97
C ILE A 152 20.53 37.04 -18.67
N TYR A 153 19.27 37.40 -18.40
CA TYR A 153 18.62 36.95 -17.18
C TYR A 153 18.43 35.44 -17.18
N LEU A 154 18.18 34.86 -18.36
CA LEU A 154 18.03 33.41 -18.43
C LEU A 154 19.34 32.69 -18.14
N ASP A 155 20.47 33.26 -18.56
CA ASP A 155 21.77 32.66 -18.27
C ASP A 155 22.00 32.56 -16.77
N VAL A 156 21.85 33.69 -16.06
CA VAL A 156 22.02 33.71 -14.62
C VAL A 156 20.95 32.91 -13.91
N LEU A 157 19.82 32.62 -14.58
CA LEU A 157 18.78 31.78 -14.02
C LEU A 157 19.13 30.30 -14.17
N PHE A 158 19.29 29.83 -15.42
CA PHE A 158 19.46 28.41 -15.65
C PHE A 158 20.84 27.92 -15.20
N SER A 159 21.90 28.66 -15.51
CA SER A 159 23.22 28.23 -15.09
C SER A 159 23.33 28.21 -13.57
N THR A 160 22.78 29.22 -12.91
CA THR A 160 22.77 29.20 -11.43
C THR A 160 21.99 27.98 -10.97
N ALA A 161 20.80 27.75 -11.55
CA ALA A 161 19.98 26.62 -11.11
C ALA A 161 20.75 25.32 -11.21
N SER A 162 21.46 25.11 -12.31
CA SER A 162 22.26 23.90 -12.44
C SER A 162 23.37 23.85 -11.39
N ILE A 163 24.00 24.99 -11.09
CA ILE A 163 25.09 24.98 -10.12
C ILE A 163 24.56 24.61 -8.73
N MET A 164 23.45 25.20 -8.30
CA MET A 164 22.93 24.80 -7.00
C MET A 164 22.35 23.40 -7.03
N HIS A 165 21.92 22.91 -8.19
CA HIS A 165 21.52 21.50 -8.29
C HIS A 165 22.70 20.59 -7.98
N LEU A 166 23.85 20.89 -8.58
CA LEU A 166 25.05 20.09 -8.31
C LEU A 166 25.48 20.20 -6.85
N CYS A 167 25.40 21.41 -6.29
CA CYS A 167 25.76 21.59 -4.88
C CYS A 167 24.85 20.78 -3.96
N ALA A 168 23.54 20.81 -4.21
CA ALA A 168 22.62 20.00 -3.42
C ALA A 168 22.86 18.52 -3.62
N ILE A 169 23.20 18.09 -4.84
CA ILE A 169 23.50 16.67 -5.06
C ILE A 169 24.71 16.25 -4.25
N SER A 170 25.75 17.08 -4.23
CA SER A 170 26.94 16.73 -3.46
C SER A 170 26.63 16.69 -1.96
N LEU A 171 25.85 17.64 -1.46
CA LEU A 171 25.47 17.62 -0.05
C LEU A 171 24.66 16.37 0.28
N ASP A 172 23.71 16.00 -0.59
CA ASP A 172 22.91 14.82 -0.35
C ASP A 172 23.75 13.56 -0.38
N ARG A 173 24.71 13.47 -1.32
CA ARG A 173 25.61 12.33 -1.34
C ARG A 173 26.42 12.24 -0.05
N TYR A 174 26.87 13.38 0.47
CA TYR A 174 27.61 13.35 1.72
C TYR A 174 26.74 12.86 2.87
N VAL A 175 25.49 13.30 2.93
CA VAL A 175 24.61 12.80 4.00
C VAL A 175 24.35 11.32 3.81
N ALA A 176 24.26 10.86 2.56
CA ALA A 176 23.96 9.46 2.28
C ALA A 176 25.13 8.54 2.60
N ILE A 177 26.36 9.00 2.43
CA ILE A 177 27.54 8.17 2.62
C ILE A 177 28.07 8.27 4.05
N GLN A 178 28.02 9.45 4.67
CA GLN A 178 28.54 9.61 6.03
C GLN A 178 27.60 8.99 7.05
N ASN A 179 26.30 9.21 6.91
CA ASN A 179 25.28 8.74 7.85
C ASN A 179 24.20 8.03 7.05
N PRO A 180 24.41 6.77 6.67
CA PRO A 180 23.46 6.11 5.75
C PRO A 180 22.14 5.72 6.39
N ILE A 181 22.18 5.25 7.65
CA ILE A 181 20.94 4.87 8.33
C ILE A 181 20.01 6.07 8.45
N HIS A 182 20.54 7.21 8.93
CA HIS A 182 19.70 8.38 9.12
C HIS A 182 19.25 8.97 7.80
N HIS A 183 20.12 8.93 6.78
CA HIS A 183 19.63 9.42 5.46
C HIS A 183 18.42 8.56 5.07
N SER A 184 18.61 7.24 5.04
CA SER A 184 17.50 6.40 4.61
C SER A 184 16.25 6.65 5.45
N ARG A 185 16.42 6.93 6.75
CA ARG A 185 15.28 7.25 7.60
C ARG A 185 14.60 8.53 7.16
N PHE A 186 15.38 9.55 6.79
CA PHE A 186 14.85 10.84 6.37
C PHE A 186 14.54 10.91 4.87
N ASN A 187 14.90 9.89 4.10
CA ASN A 187 14.70 9.94 2.66
C ASN A 187 13.20 9.86 2.35
N SER A 188 12.73 10.81 1.54
CA SER A 188 11.33 10.86 1.14
C SER A 188 11.22 11.65 -0.16
N ARG A 189 10.01 11.68 -0.73
CA ARG A 189 9.73 12.57 -1.84
C ARG A 189 9.56 14.01 -1.40
N THR A 190 9.12 14.22 -0.16
CA THR A 190 8.98 15.58 0.36
C THR A 190 10.33 16.28 0.41
N LYS A 191 11.38 15.55 0.79
CA LYS A 191 12.72 16.14 0.80
C LYS A 191 13.14 16.52 -0.62
N ALA A 192 12.83 15.67 -1.60
CA ALA A 192 13.18 15.97 -2.97
C ALA A 192 12.48 17.24 -3.46
N PHE A 193 11.18 17.36 -3.17
CA PHE A 193 10.46 18.56 -3.58
C PHE A 193 10.98 19.79 -2.85
N LEU A 194 11.31 19.64 -1.56
CA LEU A 194 11.89 20.76 -0.83
C LEU A 194 13.22 21.19 -1.43
N LYS A 195 14.05 20.23 -1.82
CA LYS A 195 15.33 20.55 -2.45
C LYS A 195 15.12 21.29 -3.77
N ILE A 196 14.18 20.81 -4.59
CA ILE A 196 13.93 21.45 -5.88
C ILE A 196 13.43 22.87 -5.68
N ILE A 197 12.49 23.05 -4.74
CA ILE A 197 11.95 24.38 -4.47
C ILE A 197 13.04 25.30 -3.95
N ALA A 198 13.89 24.80 -3.05
CA ALA A 198 14.93 25.64 -2.48
C ALA A 198 15.94 26.08 -3.54
N VAL A 199 16.40 25.15 -4.39
CA VAL A 199 17.41 25.52 -5.36
C VAL A 199 16.83 26.47 -6.41
N TRP A 200 15.60 26.24 -6.86
CA TRP A 200 15.02 27.16 -7.83
C TRP A 200 14.70 28.51 -7.22
N THR A 201 14.28 28.55 -5.95
CA THR A 201 14.07 29.82 -5.28
C THR A 201 15.38 30.61 -5.17
N ILE A 202 16.47 29.91 -4.82
CA ILE A 202 17.76 30.58 -4.71
C ILE A 202 18.22 31.09 -6.07
N SER A 203 18.03 30.28 -7.12
CA SER A 203 18.42 30.72 -8.45
C SER A 203 17.62 31.92 -8.92
N VAL A 204 16.31 31.94 -8.66
CA VAL A 204 15.49 33.08 -9.04
C VAL A 204 15.90 34.31 -8.25
N GLY A 205 16.18 34.15 -6.95
CA GLY A 205 16.57 35.28 -6.13
C GLY A 205 17.86 35.92 -6.56
N ILE A 206 18.86 35.12 -6.94
CA ILE A 206 20.15 35.66 -7.35
C ILE A 206 20.00 36.46 -8.64
N SER A 207 19.18 35.97 -9.57
CA SER A 207 18.95 36.64 -10.84
C SER A 207 17.75 37.57 -10.81
N MET A 208 17.27 37.93 -9.63
CA MET A 208 16.14 38.85 -9.49
C MET A 208 16.54 40.32 -9.70
N PRO A 209 17.74 40.76 -9.34
CA PRO A 209 18.13 42.14 -9.70
C PRO A 209 18.14 42.44 -11.20
N ILE A 210 18.61 41.51 -12.03
CA ILE A 210 18.99 41.89 -13.41
C ILE A 210 17.82 42.39 -14.25
N PRO A 211 16.63 41.73 -14.27
CA PRO A 211 15.59 42.23 -15.17
C PRO A 211 14.98 43.55 -14.69
N VAL A 212 14.85 43.73 -13.38
CA VAL A 212 14.26 44.95 -12.85
C VAL A 212 15.26 46.09 -12.75
N PHE A 213 16.55 45.84 -13.01
CA PHE A 213 17.55 46.90 -13.11
C PHE A 213 18.12 47.06 -14.51
N GLY A 214 17.74 46.22 -15.46
CA GLY A 214 18.35 46.19 -16.78
C GLY A 214 17.41 46.56 -17.92
N LEU A 215 16.12 46.25 -17.79
CA LEU A 215 15.18 46.57 -18.84
C LEU A 215 15.02 48.08 -19.04
N GLN A 216 15.16 48.86 -17.98
CA GLN A 216 14.86 50.29 -18.00
C GLN A 216 16.10 51.16 -18.19
N ASP A 217 17.27 50.57 -18.44
CA ASP A 217 18.49 51.35 -18.58
C ASP A 217 19.53 50.50 -19.31
N ASP A 218 20.75 51.04 -19.40
CA ASP A 218 21.88 50.37 -20.03
C ASP A 218 22.87 49.82 -19.00
N SER A 219 22.53 49.85 -17.71
CA SER A 219 23.51 49.55 -16.67
C SER A 219 24.00 48.12 -16.74
N LYS A 220 23.09 47.15 -16.80
CA LYS A 220 23.45 45.73 -16.73
C LYS A 220 23.38 45.02 -18.06
N VAL A 221 22.98 45.69 -19.15
CA VAL A 221 22.59 45.00 -20.37
C VAL A 221 23.54 45.26 -21.53
N PHE A 222 24.13 46.45 -21.65
CA PHE A 222 24.85 46.84 -22.86
C PHE A 222 26.19 47.45 -22.52
N LYS A 223 27.17 47.19 -23.39
CA LYS A 223 28.48 47.82 -23.32
C LYS A 223 29.04 47.87 -24.74
N GLU A 224 28.87 49.02 -25.41
CA GLU A 224 29.37 49.21 -26.77
C GLU A 224 28.76 48.21 -27.73
N GLY A 225 27.47 47.93 -27.58
CA GLY A 225 26.79 47.04 -28.49
C GLY A 225 27.23 45.60 -28.43
N SER A 226 27.48 45.07 -27.23
CA SER A 226 27.91 43.68 -27.04
C SER A 226 26.84 42.80 -26.40
N CYS A 227 25.89 43.39 -25.68
CA CYS A 227 24.93 42.63 -24.89
C CYS A 227 25.64 41.72 -23.89
N LEU A 228 26.61 42.30 -23.18
CA LEU A 228 27.36 41.63 -22.13
C LEU A 228 27.05 42.28 -20.79
N LEU A 229 26.98 41.45 -19.75
CA LEU A 229 26.69 41.94 -18.41
C LEU A 229 27.78 42.91 -17.98
N ALA A 230 27.44 44.19 -17.86
CA ALA A 230 28.38 45.27 -17.62
C ALA A 230 28.06 46.02 -16.34
N ASP A 231 27.79 45.27 -15.27
CA ASP A 231 27.52 45.83 -13.94
C ASP A 231 28.54 45.24 -12.97
N ASP A 232 29.56 46.04 -12.62
CA ASP A 232 30.59 45.56 -11.70
C ASP A 232 30.02 45.25 -10.32
N ASN A 233 28.97 45.96 -9.90
CA ASN A 233 28.37 45.67 -8.59
C ASN A 233 27.74 44.29 -8.56
N PHE A 234 27.20 43.83 -9.69
CA PHE A 234 26.56 42.52 -9.79
C PHE A 234 27.47 41.44 -10.34
N VAL A 235 28.46 41.81 -11.15
CA VAL A 235 29.37 40.80 -11.69
C VAL A 235 30.22 40.20 -10.58
N LEU A 236 30.78 41.04 -9.70
CA LEU A 236 31.61 40.53 -8.61
C LEU A 236 30.74 39.90 -7.53
N ILE A 237 29.79 40.66 -6.99
CA ILE A 237 28.97 40.16 -5.89
C ILE A 237 28.12 38.98 -6.34
N GLY A 238 27.58 39.05 -7.56
CA GLY A 238 26.75 37.97 -8.05
C GLY A 238 27.50 36.66 -8.20
N SER A 239 28.70 36.71 -8.75
CA SER A 239 29.48 35.48 -8.91
C SER A 239 29.88 34.89 -7.57
N PHE A 240 30.16 35.74 -6.58
CA PHE A 240 30.56 35.24 -5.26
C PHE A 240 29.47 34.38 -4.63
N VAL A 241 28.20 34.75 -4.81
CA VAL A 241 27.10 33.98 -4.24
C VAL A 241 26.65 32.88 -5.17
N SER A 242 26.79 33.07 -6.48
CA SER A 242 26.26 32.11 -7.44
C SER A 242 27.19 30.93 -7.67
N PHE A 243 28.51 31.15 -7.63
CA PHE A 243 29.50 30.15 -7.98
C PHE A 243 30.46 29.81 -6.84
N PHE A 244 31.06 30.83 -6.20
CA PHE A 244 32.17 30.56 -5.29
C PHE A 244 31.71 30.00 -3.95
N ILE A 245 30.57 30.43 -3.42
CA ILE A 245 30.03 29.84 -2.20
C ILE A 245 29.67 28.39 -2.49
N PRO A 246 28.93 28.10 -3.57
CA PRO A 246 28.77 26.70 -3.97
C PRO A 246 30.08 25.98 -4.23
N LEU A 247 31.09 26.65 -4.78
CA LEU A 247 32.34 25.97 -5.05
C LEU A 247 33.02 25.52 -3.77
N THR A 248 33.15 26.42 -2.78
CA THR A 248 33.77 26.02 -1.53
C THR A 248 32.93 24.99 -0.78
N ILE A 249 31.60 25.09 -0.89
CA ILE A 249 30.75 24.05 -0.31
C ILE A 249 31.05 22.71 -0.96
N MET A 250 31.23 22.69 -2.28
CA MET A 250 31.51 21.44 -2.97
C MET A 250 32.89 20.90 -2.62
N VAL A 251 33.88 21.77 -2.44
CA VAL A 251 35.22 21.27 -2.08
C VAL A 251 35.19 20.69 -0.67
N ILE A 252 34.54 21.38 0.28
CA ILE A 252 34.43 20.84 1.62
C ILE A 252 33.69 19.51 1.60
N THR A 253 32.61 19.44 0.82
CA THR A 253 31.84 18.20 0.73
C THR A 253 32.67 17.07 0.15
N TYR A 254 33.43 17.34 -0.91
CA TYR A 254 34.25 16.30 -1.53
C TYR A 254 35.33 15.81 -0.58
N PHE A 255 36.02 16.74 0.10
CA PHE A 255 37.06 16.32 1.05
C PHE A 255 36.47 15.55 2.21
N LEU A 256 35.28 15.93 2.69
CA LEU A 256 34.67 15.21 3.80
C LEU A 256 34.21 13.82 3.38
N THR A 257 33.65 13.70 2.18
CA THR A 257 33.17 12.39 1.72
C THR A 257 34.34 11.45 1.45
N ILE A 258 35.34 11.90 0.71
CA ILE A 258 36.46 11.01 0.40
C ILE A 258 37.26 10.68 1.67
N LYS A 259 37.20 11.55 2.68
CA LYS A 259 37.75 11.20 3.99
C LYS A 259 36.83 10.27 4.78
N SER A 260 35.62 10.01 4.29
CA SER A 260 34.65 9.15 4.98
C SER A 260 34.58 7.74 4.40
N LEU A 261 34.91 7.56 3.13
CA LEU A 261 34.96 6.24 2.51
C LEU A 261 36.34 5.62 2.65
N GLN A 262 36.84 5.58 3.88
CA GLN A 262 38.16 5.03 4.17
C GLN A 262 38.20 4.45 5.58
N GLN A 313 34.28 -7.11 -1.33
CA GLN A 313 33.22 -6.71 -2.24
C GLN A 313 32.78 -5.28 -1.97
N SER A 314 32.71 -4.92 -0.69
CA SER A 314 32.36 -3.54 -0.33
C SER A 314 33.51 -2.58 -0.61
N ILE A 315 34.76 -3.04 -0.46
CA ILE A 315 35.90 -2.15 -0.67
C ILE A 315 35.99 -1.71 -2.12
N SER A 316 35.74 -2.64 -3.06
CA SER A 316 35.74 -2.25 -4.46
C SER A 316 34.62 -1.28 -4.77
N ASN A 317 33.44 -1.47 -4.17
CA ASN A 317 32.35 -0.52 -4.37
C ASN A 317 32.71 0.86 -3.85
N GLU A 318 33.35 0.92 -2.67
CA GLU A 318 33.78 2.21 -2.14
C GLU A 318 34.83 2.85 -3.05
N GLN A 319 35.76 2.06 -3.58
CA GLN A 319 36.76 2.62 -4.48
C GLN A 319 36.12 3.17 -5.75
N LYS A 320 35.15 2.45 -6.31
CA LYS A 320 34.46 2.97 -7.49
C LYS A 320 33.66 4.23 -7.17
N ALA A 321 33.07 4.29 -5.97
CA ALA A 321 32.38 5.52 -5.56
C ALA A 321 33.34 6.69 -5.47
N CYS A 322 34.53 6.47 -4.89
CA CYS A 322 35.53 7.53 -4.82
C CYS A 322 35.97 7.95 -6.21
N LYS A 323 36.14 7.00 -7.13
CA LYS A 323 36.49 7.32 -8.50
C LYS A 323 35.43 8.20 -9.15
N VAL A 324 34.15 7.84 -8.99
CA VAL A 324 33.09 8.61 -9.62
C VAL A 324 33.02 10.01 -9.01
N LEU A 325 33.14 10.11 -7.69
CA LEU A 325 33.10 11.42 -7.03
C LEU A 325 34.24 12.30 -7.53
N GLY A 326 35.46 11.75 -7.62
CA GLY A 326 36.58 12.54 -8.10
C GLY A 326 36.39 12.99 -9.54
N ILE A 327 35.95 12.07 -10.40
CA ILE A 327 35.77 12.43 -11.81
C ILE A 327 34.75 13.53 -11.94
N VAL A 328 33.61 13.41 -11.26
CA VAL A 328 32.55 14.41 -11.40
C VAL A 328 33.01 15.76 -10.87
N PHE A 329 33.63 15.77 -9.68
CA PHE A 329 34.03 17.04 -9.08
C PHE A 329 35.09 17.73 -9.91
N PHE A 330 36.09 17.00 -10.41
CA PHE A 330 37.13 17.63 -11.20
C PHE A 330 36.61 18.06 -12.56
N LEU A 331 35.64 17.34 -13.13
CA LEU A 331 35.02 17.82 -14.36
C LEU A 331 34.35 19.18 -14.11
N PHE A 332 33.53 19.27 -13.06
CA PHE A 332 32.83 20.52 -12.79
C PHE A 332 33.81 21.66 -12.53
N VAL A 333 34.84 21.41 -11.72
CA VAL A 333 35.81 22.46 -11.41
C VAL A 333 36.55 22.90 -12.67
N VAL A 334 37.06 21.95 -13.44
CA VAL A 334 37.82 22.29 -14.64
C VAL A 334 36.95 23.05 -15.63
N MET A 335 35.65 22.79 -15.66
CA MET A 335 34.81 23.32 -16.72
C MET A 335 34.12 24.62 -16.36
N TRP A 336 33.93 24.93 -15.07
CA TRP A 336 33.31 26.18 -14.64
C TRP A 336 34.28 27.16 -13.98
N CYS A 337 35.34 26.68 -13.33
CA CYS A 337 36.24 27.59 -12.65
C CYS A 337 36.93 28.61 -13.55
N PRO A 338 37.47 28.28 -14.74
CA PRO A 338 38.16 29.32 -15.53
C PRO A 338 37.28 30.49 -15.93
N PHE A 339 35.99 30.25 -16.21
CA PHE A 339 35.12 31.35 -16.63
C PHE A 339 35.02 32.41 -15.55
N PHE A 340 34.71 32.00 -14.32
CA PHE A 340 34.47 32.99 -13.28
C PHE A 340 35.76 33.68 -12.86
N ILE A 341 36.88 32.97 -12.89
CA ILE A 341 38.16 33.60 -12.57
C ILE A 341 38.50 34.66 -13.60
N THR A 342 38.40 34.34 -14.89
CA THR A 342 38.71 35.35 -15.90
C THR A 342 37.66 36.45 -15.93
N ASN A 343 36.41 36.15 -15.58
CA ASN A 343 35.38 37.18 -15.49
C ASN A 343 35.70 38.17 -14.39
N ILE A 344 36.14 37.68 -13.23
CA ILE A 344 36.54 38.58 -12.15
C ILE A 344 37.77 39.39 -12.56
N MET A 345 38.72 38.74 -13.23
CA MET A 345 39.92 39.45 -13.69
C MET A 345 39.60 40.53 -14.71
N ALA A 346 38.59 40.32 -15.57
CA ALA A 346 38.19 41.32 -16.53
C ALA A 346 37.66 42.59 -15.88
N VAL A 347 37.14 42.49 -14.66
CA VAL A 347 36.62 43.63 -13.92
C VAL A 347 37.70 44.27 -13.04
N ILE A 348 38.44 43.44 -12.30
CA ILE A 348 39.46 43.98 -11.41
C ILE A 348 40.61 44.57 -12.23
N CYS A 349 41.05 43.84 -13.25
CA CYS A 349 42.15 44.31 -14.09
C CYS A 349 41.65 45.32 -15.12
N ASN A 354 45.33 45.29 -21.12
CA ASN A 354 45.49 43.99 -21.76
C ASN A 354 44.19 43.20 -21.73
N GLU A 355 43.07 43.90 -21.86
CA GLU A 355 41.76 43.27 -21.80
C GLU A 355 41.32 42.66 -23.12
N ASP A 356 42.03 42.95 -24.22
CA ASP A 356 41.62 42.40 -25.51
C ASP A 356 41.70 40.87 -25.51
N VAL A 357 42.78 40.31 -24.95
CA VAL A 357 42.88 38.86 -24.85
C VAL A 357 41.89 38.32 -23.83
N ILE A 358 41.61 39.08 -22.77
CA ILE A 358 40.67 38.64 -21.76
C ILE A 358 39.28 38.50 -22.35
N GLY A 359 38.92 39.38 -23.28
CA GLY A 359 37.62 39.26 -23.95
C GLY A 359 37.48 37.96 -24.71
N ALA A 360 38.50 37.59 -25.48
CA ALA A 360 38.45 36.33 -26.23
C ALA A 360 38.44 35.14 -25.28
N LEU A 361 39.24 35.19 -24.22
CA LEU A 361 39.26 34.08 -23.26
C LEU A 361 37.89 33.92 -22.60
N LEU A 362 37.24 35.04 -22.29
CA LEU A 362 35.87 34.98 -21.78
C LEU A 362 34.93 34.36 -22.81
N ASN A 363 35.09 34.75 -24.07
CA ASN A 363 34.19 34.27 -25.12
C ASN A 363 34.34 32.77 -25.35
N VAL A 364 35.50 32.20 -25.06
CA VAL A 364 35.67 30.75 -25.19
C VAL A 364 35.22 30.03 -23.93
N PHE A 365 35.54 30.58 -22.75
CA PHE A 365 35.22 29.87 -21.52
C PHE A 365 33.73 29.91 -21.20
N VAL A 366 32.98 30.88 -21.72
CA VAL A 366 31.53 30.80 -21.58
C VAL A 366 30.99 29.57 -22.33
N TRP A 367 31.52 29.30 -23.52
CA TRP A 367 31.09 28.10 -24.25
C TRP A 367 31.56 26.84 -23.55
N ILE A 368 32.72 26.86 -22.90
CA ILE A 368 33.11 25.71 -22.08
C ILE A 368 32.11 25.50 -20.96
N GLY A 369 31.67 26.58 -20.31
CA GLY A 369 30.66 26.46 -19.28
C GLY A 369 29.36 25.86 -19.79
N TYR A 370 28.95 26.27 -20.99
CA TYR A 370 27.75 25.68 -21.58
C TYR A 370 27.94 24.21 -21.90
N LEU A 371 29.12 23.83 -22.40
CA LEU A 371 29.39 22.42 -22.65
C LEU A 371 29.33 21.61 -21.37
N SER A 372 29.64 22.23 -20.22
CA SER A 372 29.48 21.53 -18.95
C SER A 372 28.03 21.14 -18.70
N SER A 373 27.09 22.07 -18.93
CA SER A 373 25.68 21.73 -18.77
C SER A 373 25.25 20.71 -19.81
N ALA A 374 25.88 20.72 -20.98
CA ALA A 374 25.61 19.67 -21.96
C ALA A 374 26.06 18.30 -21.44
N VAL A 375 27.19 18.25 -20.73
CA VAL A 375 27.78 16.98 -20.34
C VAL A 375 27.14 16.42 -19.07
N ASN A 376 26.70 17.30 -18.16
CA ASN A 376 26.36 16.90 -16.79
C ASN A 376 25.33 15.78 -16.68
N PRO A 377 24.26 15.78 -17.48
CA PRO A 377 23.34 14.63 -17.47
C PRO A 377 24.01 13.29 -17.77
N LEU A 378 25.10 13.27 -18.54
CA LEU A 378 25.74 12.01 -18.88
C LEU A 378 26.53 11.42 -17.72
N VAL A 379 27.50 12.17 -17.20
CA VAL A 379 28.39 11.64 -16.17
C VAL A 379 27.65 11.32 -14.87
N TYR A 380 26.52 11.98 -14.61
CA TYR A 380 25.76 11.70 -13.40
C TYR A 380 24.87 10.47 -13.52
N THR A 381 24.75 9.89 -14.72
CA THR A 381 23.83 8.79 -14.98
C THR A 381 24.46 7.60 -15.69
N LEU A 382 25.48 7.80 -16.51
CA LEU A 382 26.02 6.70 -17.31
C LEU A 382 26.62 5.61 -16.43
N PHE A 383 27.12 5.98 -15.25
CA PHE A 383 27.73 4.98 -14.37
C PHE A 383 26.71 3.96 -13.90
N ASN A 384 25.46 4.37 -13.69
CA ASN A 384 24.42 3.42 -13.32
C ASN A 384 24.09 2.50 -14.49
N LYS A 385 23.96 1.21 -14.20
CA LYS A 385 23.73 0.23 -15.27
C LYS A 385 22.39 0.45 -15.96
N THR A 386 21.34 0.72 -15.18
CA THR A 386 20.00 0.88 -15.75
C THR A 386 19.94 2.08 -16.69
N TYR A 387 20.56 3.20 -16.29
CA TYR A 387 20.60 4.37 -17.17
C TYR A 387 21.36 4.07 -18.45
N ARG A 388 22.47 3.33 -18.34
CA ARG A 388 23.25 2.99 -19.52
C ARG A 388 22.44 2.12 -20.48
N SER A 389 21.72 1.13 -19.94
CA SER A 389 20.87 0.31 -20.80
C SER A 389 19.74 1.13 -21.42
N ALA A 390 19.18 2.07 -20.67
CA ALA A 390 18.13 2.93 -21.22
C ALA A 390 18.65 3.78 -22.36
N PHE A 391 19.85 4.35 -22.21
CA PHE A 391 20.43 5.13 -23.30
C PHE A 391 20.74 4.24 -24.50
N SER A 392 21.21 3.01 -24.26
CA SER A 392 21.46 2.11 -25.37
C SER A 392 20.18 1.75 -26.12
N ARG A 393 19.08 1.54 -25.40
CA ARG A 393 17.82 1.14 -26.02
C ARG A 393 17.10 2.30 -26.72
N TYR A 394 16.99 3.45 -26.05
CA TYR A 394 16.28 4.58 -26.64
C TYR A 394 16.99 5.17 -27.84
N ILE A 395 18.31 4.98 -27.97
CA ILE A 395 19.03 5.45 -29.14
C ILE A 395 18.77 4.62 -30.38
N GLN A 396 18.21 3.41 -30.23
CA GLN A 396 17.90 2.57 -31.37
C GLN A 396 16.71 3.11 -32.14
N THR B 4 -21.25 17.26 -6.93
CA THR B 4 -22.40 17.09 -6.06
C THR B 4 -22.15 16.00 -5.03
N VAL B 5 -21.87 16.42 -3.80
CA VAL B 5 -21.68 15.53 -2.65
C VAL B 5 -22.62 15.97 -1.56
N SER B 6 -23.30 15.00 -0.95
CA SER B 6 -24.21 15.29 0.15
C SER B 6 -23.42 15.74 1.38
N ALA B 7 -24.15 16.24 2.38
CA ALA B 7 -23.53 16.55 3.66
C ALA B 7 -22.96 15.28 4.30
N GLU B 8 -23.70 14.18 4.21
CA GLU B 8 -23.21 12.92 4.76
C GLU B 8 -22.01 12.42 3.99
N ASP B 9 -22.00 12.60 2.66
CA ASP B 9 -20.83 12.18 1.89
C ASP B 9 -19.62 13.05 2.21
N LYS B 10 -19.81 14.35 2.45
CA LYS B 10 -18.69 15.19 2.86
C LYS B 10 -18.14 14.76 4.20
N ALA B 11 -19.03 14.42 5.15
CA ALA B 11 -18.57 13.91 6.44
C ALA B 11 -17.83 12.59 6.27
N ALA B 12 -18.29 11.73 5.37
CA ALA B 12 -17.60 10.47 5.10
C ALA B 12 -16.21 10.72 4.53
N ALA B 13 -16.09 11.69 3.63
CA ALA B 13 -14.77 12.03 3.08
C ALA B 13 -13.85 12.58 4.16
N GLU B 14 -14.41 13.38 5.09
CA GLU B 14 -13.60 13.88 6.19
C GLU B 14 -13.12 12.73 7.08
N ARG B 15 -13.99 11.75 7.33
CA ARG B 15 -13.57 10.55 8.06
C ARG B 15 -12.44 9.83 7.33
N SER B 16 -12.58 9.69 6.01
CA SER B 16 -11.55 8.99 5.24
C SER B 16 -10.22 9.71 5.31
N LYS B 17 -10.26 11.05 5.26
CA LYS B 17 -9.02 11.81 5.34
C LYS B 17 -8.38 11.69 6.72
N MET B 18 -9.19 11.68 7.79
CA MET B 18 -8.62 11.46 9.12
C MET B 18 -8.01 10.07 9.23
N ILE B 19 -8.67 9.07 8.66
CA ILE B 19 -8.12 7.71 8.67
C ILE B 19 -6.80 7.66 7.91
N ASP B 20 -6.73 8.34 6.76
CA ASP B 20 -5.50 8.36 5.98
C ASP B 20 -4.38 9.06 6.75
N LYS B 21 -4.73 10.13 7.48
CA LYS B 21 -3.74 10.82 8.30
C LYS B 21 -3.17 9.89 9.37
N ASN B 22 -4.04 9.16 10.07
CA ASN B 22 -3.57 8.24 11.09
C ASN B 22 -2.74 7.11 10.49
N LEU B 23 -3.14 6.62 9.31
CA LEU B 23 -2.36 5.60 8.64
C LEU B 23 -0.98 6.11 8.25
N ARG B 24 -0.89 7.34 7.75
CA ARG B 24 0.42 7.89 7.39
C ARG B 24 1.30 8.06 8.62
N GLU B 25 0.71 8.48 9.74
CA GLU B 25 1.48 8.57 10.98
C GLU B 25 2.04 7.20 11.39
N ASP B 26 1.19 6.17 11.34
CA ASP B 26 1.67 4.83 11.68
C ASP B 26 2.73 4.35 10.68
N GLY B 27 2.59 4.71 9.41
CA GLY B 27 3.58 4.31 8.41
C GLY B 27 4.93 4.96 8.63
N GLU B 28 4.94 6.25 8.97
CA GLU B 28 6.19 6.91 9.30
C GLU B 28 6.80 6.33 10.57
N LYS B 29 5.96 5.94 11.53
CA LYS B 29 6.50 5.24 12.70
C LYS B 29 7.13 3.91 12.31
N ALA B 30 6.51 3.21 11.34
CA ALA B 30 7.01 1.90 10.94
C ALA B 30 8.28 1.99 10.09
N ARG B 31 8.46 3.08 9.34
CA ARG B 31 9.64 3.20 8.50
C ARG B 31 10.92 3.36 9.31
N ARG B 32 10.81 3.87 10.55
CA ARG B 32 12.00 4.11 11.35
C ARG B 32 12.68 2.80 11.75
N THR B 33 11.90 1.78 12.10
CA THR B 33 12.49 0.53 12.57
C THR B 33 13.07 -0.27 11.40
N LEU B 34 14.10 -1.05 11.71
CA LEU B 34 14.79 -1.93 10.76
C LEU B 34 14.45 -3.37 11.11
N ARG B 35 14.28 -4.21 10.08
CA ARG B 35 13.69 -5.53 10.23
C ARG B 35 14.67 -6.61 9.76
N LEU B 36 14.81 -7.64 10.58
CA LEU B 36 15.77 -8.72 10.36
C LEU B 36 15.08 -10.07 10.52
N LEU B 37 15.36 -10.98 9.61
CA LEU B 37 14.85 -12.35 9.67
C LEU B 37 15.97 -13.28 10.12
N LEU B 38 15.70 -14.07 11.16
CA LEU B 38 16.68 -14.99 11.72
C LEU B 38 16.32 -16.40 11.27
N LEU B 39 17.27 -17.09 10.62
CA LEU B 39 17.06 -18.41 10.03
C LEU B 39 18.22 -19.32 10.42
N GLY B 40 18.02 -20.19 11.40
CA GLY B 40 19.11 -21.06 11.88
C GLY B 40 18.62 -22.45 12.20
N ALA B 41 19.48 -23.45 12.07
CA ALA B 41 19.12 -24.85 12.41
C ALA B 41 19.12 -25.02 13.93
N ASP B 42 18.58 -26.14 14.42
CA ASP B 42 18.59 -26.41 15.89
C ASP B 42 20.05 -26.65 16.33
N ASN B 43 20.36 -26.35 17.59
CA ASN B 43 21.73 -26.58 18.15
C ASN B 43 22.67 -25.45 17.69
N SER B 44 22.23 -24.61 16.76
CA SER B 44 23.06 -23.46 16.31
C SER B 44 22.94 -22.30 17.30
N GLY B 45 22.14 -22.48 18.36
CA GLY B 45 21.94 -21.41 19.36
C GLY B 45 21.38 -20.16 18.71
N LYS B 46 20.44 -20.34 17.78
CA LYS B 46 19.87 -19.17 17.05
C LYS B 46 19.15 -18.26 18.05
N SER B 47 18.54 -18.82 19.08
CA SER B 47 17.88 -17.99 20.10
C SER B 47 18.90 -17.16 20.87
N THR B 48 20.11 -17.68 21.07
CA THR B 48 21.13 -17.05 21.90
C THR B 48 22.11 -16.20 21.10
N ILE B 49 21.78 -15.86 19.86
CA ILE B 49 22.63 -14.93 19.09
C ILE B 49 22.78 -13.61 19.83
N VAL B 50 21.66 -13.00 20.25
CA VAL B 50 21.64 -11.75 21.00
C VAL B 50 21.00 -12.00 22.35
N LYS B 51 21.66 -11.55 23.41
CA LYS B 51 21.21 -11.76 24.79
C LYS B 51 21.28 -10.54 25.68
N GLN B 52 22.08 -9.52 25.36
CA GLN B 52 22.22 -8.36 26.24
C GLN B 52 20.90 -7.62 26.40
N MET B 53 20.16 -7.47 25.30
CA MET B 53 18.84 -6.84 25.31
C MET B 53 17.92 -7.64 24.39
N ARG B 54 16.67 -7.81 24.84
CA ARG B 54 15.65 -8.51 24.06
C ARG B 54 14.32 -7.76 24.17
N THR B 66 1.22 -16.40 19.46
CA THR B 66 2.53 -16.14 18.85
C THR B 66 3.31 -17.43 18.62
N SER B 67 2.58 -18.51 18.32
CA SER B 67 3.24 -19.80 18.08
C SER B 67 3.94 -19.80 16.73
N GLY B 68 3.35 -19.14 15.73
CA GLY B 68 3.96 -19.13 14.41
C GLY B 68 5.28 -18.37 14.37
N ILE B 69 5.35 -17.26 15.10
CA ILE B 69 6.51 -16.36 15.08
C ILE B 69 6.87 -16.01 16.53
N PHE B 70 8.15 -16.12 16.85
CA PHE B 70 8.72 -15.64 18.10
C PHE B 70 9.59 -14.44 17.79
N GLU B 71 9.28 -13.30 18.40
CA GLU B 71 9.84 -12.01 18.01
C GLU B 71 10.58 -11.38 19.19
N THR B 72 11.77 -10.88 18.90
CA THR B 72 12.62 -10.18 19.88
C THR B 72 13.08 -8.88 19.25
N LYS B 73 12.87 -7.77 19.96
CA LYS B 73 13.22 -6.44 19.48
C LYS B 73 14.39 -5.92 20.29
N PHE B 74 15.49 -5.48 19.65
CA PHE B 74 16.70 -4.95 20.34
C PHE B 74 17.10 -3.66 19.64
N GLN B 75 17.42 -2.55 20.33
CA GLN B 75 17.96 -1.34 19.64
C GLN B 75 19.31 -1.00 20.19
N VAL B 76 20.28 -0.73 19.32
CA VAL B 76 21.67 -0.37 19.71
C VAL B 76 21.98 1.03 19.13
N ASP B 77 22.54 1.99 19.87
CA ASP B 77 22.98 3.27 19.25
C ASP B 77 21.89 4.00 18.43
N LYS B 78 20.70 4.15 18.95
CA LYS B 78 19.66 4.98 18.26
C LYS B 78 19.23 4.45 16.91
N VAL B 79 19.03 3.15 16.80
CA VAL B 79 18.37 2.47 15.68
C VAL B 79 17.63 1.27 16.25
N ASN B 80 16.39 1.07 15.80
CA ASN B 80 15.52 0.00 16.26
C ASN B 80 15.61 -1.17 15.29
N PHE B 81 15.99 -2.34 15.81
CA PHE B 81 16.11 -3.56 15.02
C PHE B 81 15.01 -4.54 15.42
N HIS B 82 14.27 -5.03 14.43
CA HIS B 82 13.11 -5.89 14.62
C HIS B 82 13.48 -7.28 14.14
N MET B 83 13.65 -8.21 15.07
CA MET B 83 14.15 -9.56 14.77
C MET B 83 13.00 -10.54 14.80
N PHE B 84 12.81 -11.26 13.70
CA PHE B 84 11.73 -12.22 13.53
C PHE B 84 12.30 -13.63 13.44
N ASP B 85 11.76 -14.54 14.25
CA ASP B 85 12.12 -15.96 14.22
C ASP B 85 10.84 -16.77 14.10
N VAL B 86 10.81 -17.68 13.13
CA VAL B 86 9.68 -18.58 12.91
C VAL B 86 10.01 -19.89 13.61
N GLY B 87 9.24 -20.22 14.66
CA GLY B 87 9.42 -21.45 15.41
C GLY B 87 8.25 -22.41 15.33
N GLY B 88 7.21 -22.06 14.57
CA GLY B 88 6.00 -22.87 14.46
C GLY B 88 5.71 -23.36 13.06
N GLN B 89 6.73 -23.85 12.36
CA GLN B 89 6.59 -24.39 11.02
C GLN B 89 7.41 -25.66 10.88
N ARG B 90 7.13 -26.40 9.81
CA ARG B 90 7.78 -27.67 9.53
C ARG B 90 9.17 -27.41 8.93
N ASP B 91 9.80 -28.47 8.42
CA ASP B 91 11.13 -28.34 7.85
C ASP B 91 11.14 -27.43 6.62
N GLU B 92 10.16 -27.61 5.73
CA GLU B 92 10.09 -26.82 4.51
C GLU B 92 9.54 -25.43 4.82
N ARG B 93 10.26 -24.39 4.36
CA ARG B 93 9.99 -23.00 4.71
C ARG B 93 9.62 -22.14 3.50
N ARG B 94 9.46 -22.72 2.31
CA ARG B 94 9.44 -21.91 1.10
C ARG B 94 8.21 -21.00 1.02
N LYS B 95 7.11 -21.39 1.64
CA LYS B 95 5.89 -20.60 1.50
C LYS B 95 5.95 -19.32 2.32
N TRP B 96 6.19 -19.43 3.63
CA TRP B 96 6.25 -18.24 4.47
C TRP B 96 7.49 -17.39 4.23
N ILE B 97 8.51 -17.92 3.55
CA ILE B 97 9.69 -17.12 3.23
C ILE B 97 9.33 -16.00 2.26
N GLN B 98 8.29 -16.19 1.44
CA GLN B 98 7.93 -15.18 0.46
C GLN B 98 7.51 -13.87 1.12
N CYS B 99 6.89 -13.95 2.29
CA CYS B 99 6.43 -12.74 2.98
C CYS B 99 7.60 -11.86 3.39
N PHE B 100 8.70 -12.47 3.83
CA PHE B 100 9.85 -11.75 4.36
C PHE B 100 10.79 -11.31 3.24
N ASN B 101 10.25 -10.52 2.31
CA ASN B 101 11.01 -10.03 1.16
C ASN B 101 11.48 -8.59 1.34
N ASP B 102 10.91 -7.84 2.28
CA ASP B 102 11.29 -6.44 2.50
C ASP B 102 12.32 -6.29 3.63
N VAL B 103 12.76 -7.40 4.24
CA VAL B 103 13.67 -7.30 5.39
C VAL B 103 14.99 -6.68 4.95
N THR B 104 15.61 -5.94 5.87
CA THR B 104 16.89 -5.30 5.57
C THR B 104 17.99 -6.33 5.39
N ALA B 105 18.09 -7.28 6.32
CA ALA B 105 19.15 -8.29 6.31
C ALA B 105 18.61 -9.57 6.92
N ILE B 106 19.29 -10.67 6.62
CA ILE B 106 19.01 -11.99 7.17
C ILE B 106 20.17 -12.35 8.08
N ILE B 107 19.87 -12.88 9.26
CA ILE B 107 20.89 -13.41 10.16
C ILE B 107 20.79 -14.92 10.05
N PHE B 108 21.75 -15.54 9.37
CA PHE B 108 21.81 -16.98 9.18
C PHE B 108 22.84 -17.55 10.14
N VAL B 109 22.40 -18.48 10.99
CA VAL B 109 23.25 -19.13 11.98
C VAL B 109 23.52 -20.55 11.53
N VAL B 110 24.79 -20.96 11.60
CA VAL B 110 25.21 -22.31 11.24
C VAL B 110 26.11 -22.84 12.35
N ASP B 111 25.99 -24.12 12.65
CA ASP B 111 26.75 -24.75 13.72
C ASP B 111 28.08 -25.24 13.15
N SER B 112 29.18 -24.62 13.57
CA SER B 112 30.49 -25.05 13.12
C SER B 112 30.95 -26.32 13.83
N SER B 113 30.58 -26.48 15.11
CA SER B 113 31.09 -27.59 15.89
C SER B 113 30.57 -28.93 15.37
N ASP B 114 29.28 -29.01 15.08
CA ASP B 114 28.67 -30.25 14.57
C ASP B 114 29.10 -30.42 13.13
N TYR B 115 30.08 -31.30 12.89
CA TYR B 115 30.59 -31.49 11.53
C TYR B 115 29.64 -32.33 10.69
N ASN B 116 28.87 -33.22 11.32
CA ASN B 116 27.93 -34.05 10.56
C ASN B 116 26.84 -33.20 9.93
N ARG B 117 26.32 -32.22 10.67
CA ARG B 117 25.26 -31.35 10.18
C ARG B 117 25.78 -30.16 9.39
N LEU B 118 27.10 -29.97 9.30
CA LEU B 118 27.62 -28.81 8.60
C LEU B 118 27.28 -28.85 7.11
N GLN B 119 27.32 -30.02 6.49
CA GLN B 119 26.96 -30.11 5.08
C GLN B 119 25.49 -29.79 4.85
N GLU B 120 24.63 -30.21 5.79
CA GLU B 120 23.23 -29.82 5.72
C GLU B 120 23.07 -28.31 5.83
N ALA B 121 23.85 -27.68 6.73
CA ALA B 121 23.82 -26.23 6.82
C ALA B 121 24.31 -25.58 5.53
N LEU B 122 25.31 -26.18 4.89
CA LEU B 122 25.82 -25.66 3.63
C LEU B 122 24.73 -25.70 2.54
N ASN B 123 24.01 -26.81 2.48
CA ASN B 123 22.92 -26.92 1.50
C ASN B 123 21.79 -25.95 1.82
N ASP B 124 21.49 -25.75 3.12
CA ASP B 124 20.50 -24.76 3.50
C ASP B 124 20.94 -23.37 3.10
N PHE B 125 22.24 -23.07 3.21
CA PHE B 125 22.74 -21.78 2.77
C PHE B 125 22.57 -21.63 1.27
N LYS B 126 22.81 -22.69 0.50
CA LYS B 126 22.53 -22.63 -0.94
C LYS B 126 21.06 -22.31 -1.20
N SER B 127 20.17 -22.97 -0.45
CA SER B 127 18.74 -22.79 -0.68
C SER B 127 18.30 -21.37 -0.37
N ILE B 128 18.78 -20.79 0.72
CA ILE B 128 18.38 -19.42 1.05
C ILE B 128 19.03 -18.42 0.08
N TRP B 129 20.30 -18.64 -0.27
CA TRP B 129 21.01 -17.68 -1.10
C TRP B 129 20.43 -17.63 -2.51
N ASN B 130 20.05 -18.78 -3.06
CA ASN B 130 19.56 -18.87 -4.42
C ASN B 130 18.05 -18.70 -4.54
N ASN B 131 17.35 -18.38 -3.46
CA ASN B 131 15.91 -18.17 -3.53
C ASN B 131 15.62 -16.92 -4.35
N ARG B 132 14.51 -16.96 -5.09
CA ARG B 132 14.19 -15.85 -5.99
C ARG B 132 13.67 -14.65 -5.22
N TRP B 133 12.86 -14.88 -4.19
CA TRP B 133 12.31 -13.75 -3.42
C TRP B 133 13.35 -13.14 -2.50
N LEU B 134 14.24 -13.96 -1.93
CA LEU B 134 15.31 -13.50 -1.06
C LEU B 134 16.61 -13.25 -1.84
N ARG B 135 16.50 -12.86 -3.11
CA ARG B 135 17.69 -12.61 -3.91
C ARG B 135 18.40 -11.34 -3.44
N THR B 136 17.68 -10.22 -3.39
CA THR B 136 18.30 -8.93 -3.12
C THR B 136 18.75 -8.77 -1.67
N ILE B 137 18.27 -9.61 -0.76
CA ILE B 137 18.56 -9.45 0.67
C ILE B 137 19.91 -10.07 0.97
N SER B 138 20.70 -9.38 1.81
CA SER B 138 22.00 -9.84 2.23
C SER B 138 21.89 -10.65 3.51
N VAL B 139 22.90 -11.49 3.75
CA VAL B 139 22.92 -12.46 4.84
C VAL B 139 24.09 -12.13 5.76
N ILE B 140 23.81 -11.97 7.05
CA ILE B 140 24.83 -11.73 8.06
C ILE B 140 25.07 -13.08 8.72
N LEU B 141 26.12 -13.77 8.30
CA LEU B 141 26.34 -15.16 8.68
C LEU B 141 27.04 -15.22 10.02
N PHE B 142 26.55 -16.08 10.92
CA PHE B 142 27.11 -16.28 12.25
C PHE B 142 27.47 -17.75 12.40
N LEU B 143 28.77 -18.05 12.48
CA LEU B 143 29.24 -19.43 12.66
C LEU B 143 29.42 -19.67 14.15
N ASN B 144 28.42 -20.29 14.76
CA ASN B 144 28.34 -20.34 16.21
C ASN B 144 29.22 -21.44 16.80
N LYS B 145 29.44 -21.34 18.11
CA LYS B 145 30.09 -22.39 18.91
C LYS B 145 31.54 -22.63 18.45
N GLN B 146 32.26 -21.53 18.21
CA GLN B 146 33.69 -21.62 17.91
C GLN B 146 34.47 -22.23 19.07
N ASP B 147 34.00 -21.98 20.29
CA ASP B 147 34.66 -22.58 21.48
C ASP B 147 34.56 -24.10 21.39
N LEU B 148 33.36 -24.62 21.07
CA LEU B 148 33.18 -26.06 20.95
C LEU B 148 33.99 -26.62 19.78
N LEU B 149 34.09 -25.88 18.68
CA LEU B 149 34.94 -26.31 17.57
C LEU B 149 36.40 -26.42 18.01
N ALA B 150 36.87 -25.41 18.75
CA ALA B 150 38.24 -25.42 19.24
C ALA B 150 38.48 -26.60 20.17
N GLU B 151 37.52 -26.88 21.06
CA GLU B 151 37.65 -28.02 21.97
C GLU B 151 37.69 -29.33 21.20
N LYS B 152 36.86 -29.46 20.17
CA LYS B 152 36.82 -30.70 19.40
C LYS B 152 38.13 -30.94 18.66
N VAL B 153 38.65 -29.90 17.98
CA VAL B 153 39.91 -30.09 17.26
C VAL B 153 41.07 -30.26 18.22
N LEU B 154 41.00 -29.64 19.41
CA LEU B 154 42.02 -29.87 20.42
C LEU B 154 42.02 -31.32 20.89
N ALA B 155 40.83 -31.91 21.04
CA ALA B 155 40.75 -33.33 21.32
C ALA B 155 41.36 -34.14 20.17
N GLY B 156 41.08 -33.73 18.92
CA GLY B 156 41.77 -34.27 17.78
C GLY B 156 41.22 -35.55 17.21
N LYS B 157 40.30 -36.23 17.90
CA LYS B 157 39.68 -37.42 17.33
C LYS B 157 38.88 -37.08 16.09
N SER B 158 38.11 -36.00 16.14
CA SER B 158 37.36 -35.55 14.97
C SER B 158 38.31 -35.01 13.91
N LYS B 159 37.99 -35.28 12.64
CA LYS B 159 38.75 -34.80 11.50
C LYS B 159 37.78 -34.21 10.48
N ILE B 160 38.09 -33.01 10.00
CA ILE B 160 37.25 -32.39 8.96
C ILE B 160 37.55 -33.01 7.60
N GLU B 161 38.73 -33.64 7.45
CA GLU B 161 39.10 -34.21 6.16
C GLU B 161 38.20 -35.39 5.78
N ASP B 162 37.77 -36.17 6.75
CA ASP B 162 36.94 -37.33 6.44
C ASP B 162 35.55 -36.93 5.95
N TYR B 163 34.98 -35.87 6.52
CA TYR B 163 33.67 -35.41 6.06
C TYR B 163 33.75 -34.72 4.71
N PHE B 164 34.75 -33.86 4.52
CA PHE B 164 35.01 -33.16 3.27
C PHE B 164 36.45 -33.47 2.85
N PRO B 165 36.73 -34.06 1.67
CA PRO B 165 38.13 -34.43 1.36
C PRO B 165 39.08 -33.26 1.24
N GLU B 166 38.58 -32.05 0.99
CA GLU B 166 39.48 -30.94 0.65
C GLU B 166 40.30 -30.47 1.84
N PHE B 167 39.83 -30.70 3.07
CA PHE B 167 40.56 -30.19 4.23
C PHE B 167 41.87 -30.92 4.45
N ALA B 168 42.02 -32.15 3.92
CA ALA B 168 43.23 -32.92 4.14
C ALA B 168 44.46 -32.23 3.59
N ARG B 169 44.31 -31.44 2.52
CA ARG B 169 45.37 -30.60 1.97
C ARG B 169 44.87 -29.15 1.99
N TYR B 170 45.19 -28.44 3.07
CA TYR B 170 44.80 -27.04 3.21
C TYR B 170 45.86 -26.30 4.01
N THR B 171 46.09 -25.04 3.65
CA THR B 171 47.01 -24.16 4.34
C THR B 171 46.29 -22.86 4.66
N THR B 172 46.49 -22.35 5.87
CA THR B 172 45.80 -21.13 6.28
C THR B 172 46.27 -19.96 5.41
N PRO B 173 45.39 -18.99 5.09
CA PRO B 173 45.87 -17.82 4.34
C PRO B 173 46.82 -16.98 5.19
N GLU B 174 47.86 -16.48 4.54
CA GLU B 174 48.87 -15.69 5.26
C GLU B 174 48.30 -14.38 5.77
N ASP B 175 47.41 -13.75 4.98
CA ASP B 175 46.92 -12.41 5.34
C ASP B 175 46.08 -12.43 6.61
N ALA B 176 45.39 -13.54 6.90
CA ALA B 176 44.54 -13.59 8.07
C ALA B 176 45.36 -13.51 9.35
N THR B 177 44.91 -12.69 10.29
CA THR B 177 45.62 -12.44 11.53
C THR B 177 45.06 -13.32 12.62
N PRO B 178 45.82 -14.26 13.21
CA PRO B 178 45.24 -15.07 14.29
C PRO B 178 45.04 -14.26 15.57
N GLU B 179 44.05 -14.66 16.35
CA GLU B 179 43.87 -14.10 17.67
C GLU B 179 44.92 -14.65 18.62
N PRO B 180 45.19 -13.98 19.74
CA PRO B 180 46.19 -14.51 20.68
C PRO B 180 45.73 -15.82 21.30
N GLY B 181 46.67 -16.75 21.43
CA GLY B 181 46.36 -18.05 22.00
C GLY B 181 45.57 -18.96 21.09
N GLU B 182 45.56 -18.71 19.78
CA GLU B 182 44.81 -19.49 18.82
C GLU B 182 45.76 -20.42 18.05
N ASP B 183 45.42 -21.71 18.05
CA ASP B 183 46.27 -22.70 17.40
C ASP B 183 46.17 -22.56 15.87
N PRO B 184 47.27 -22.81 15.14
CA PRO B 184 47.17 -22.74 13.67
C PRO B 184 46.18 -23.72 13.06
N ARG B 185 46.04 -24.93 13.61
CA ARG B 185 45.05 -25.86 13.05
C ARG B 185 43.63 -25.44 13.42
N VAL B 186 43.45 -24.80 14.58
CA VAL B 186 42.16 -24.21 14.91
C VAL B 186 41.81 -23.14 13.88
N THR B 187 42.78 -22.30 13.55
CA THR B 187 42.61 -21.29 12.52
C THR B 187 42.31 -21.93 11.17
N ARG B 188 42.99 -23.03 10.87
CA ARG B 188 42.79 -23.73 9.59
C ARG B 188 41.35 -24.21 9.48
N ALA B 189 40.83 -24.84 10.53
CA ALA B 189 39.45 -25.32 10.51
C ALA B 189 38.47 -24.15 10.41
N LYS B 190 38.69 -23.08 11.19
CA LYS B 190 37.77 -21.95 11.19
C LYS B 190 37.66 -21.31 9.82
N TYR B 191 38.80 -20.91 9.24
CA TYR B 191 38.75 -20.35 7.91
C TYR B 191 38.41 -21.36 6.84
N PHE B 192 38.54 -22.67 7.09
CA PHE B 192 38.04 -23.63 6.12
C PHE B 192 36.52 -23.58 6.03
N ILE B 193 35.84 -23.64 7.18
CA ILE B 193 34.37 -23.61 7.15
C ILE B 193 33.90 -22.27 6.61
N ARG B 194 34.55 -21.19 7.04
CA ARG B 194 34.21 -19.86 6.54
C ARG B 194 34.41 -19.77 5.04
N LYS B 195 35.49 -20.36 4.53
CA LYS B 195 35.75 -20.33 3.10
C LYS B 195 34.71 -21.12 2.33
N GLU B 196 34.21 -22.22 2.90
CA GLU B 196 33.17 -22.99 2.20
C GLU B 196 31.89 -22.16 2.08
N PHE B 197 31.44 -21.56 3.19
CA PHE B 197 30.24 -20.73 3.13
C PHE B 197 30.41 -19.55 2.19
N VAL B 198 31.55 -18.85 2.29
CA VAL B 198 31.78 -17.69 1.44
C VAL B 198 31.96 -18.11 -0.01
N ASP B 199 32.43 -19.35 -0.26
CA ASP B 199 32.54 -19.82 -1.63
C ASP B 199 31.16 -20.04 -2.24
N ILE B 200 30.20 -20.51 -1.44
CA ILE B 200 28.81 -20.49 -1.92
C ILE B 200 28.38 -19.05 -2.18
N SER B 201 28.74 -18.14 -1.26
CA SER B 201 28.24 -16.76 -1.34
C SER B 201 28.73 -16.05 -2.60
N THR B 202 30.01 -16.20 -2.90
CA THR B 202 30.67 -15.47 -3.99
C THR B 202 30.01 -15.61 -5.34
N ALA B 203 29.93 -16.82 -5.89
CA ALA B 203 29.47 -17.00 -7.29
C ALA B 203 28.04 -16.52 -7.49
N SER B 204 27.14 -16.82 -6.56
CA SER B 204 25.70 -16.42 -6.61
C SER B 204 25.29 -14.94 -6.56
N GLY B 205 26.03 -14.05 -5.89
CA GLY B 205 25.49 -12.70 -5.61
C GLY B 205 25.36 -11.80 -6.81
N ASP B 206 26.43 -11.50 -7.53
CA ASP B 206 26.37 -10.68 -8.75
C ASP B 206 26.38 -9.19 -8.38
N GLY B 207 26.53 -8.86 -7.09
CA GLY B 207 26.69 -7.46 -6.67
C GLY B 207 25.45 -6.94 -5.97
N ARG B 208 24.31 -7.58 -6.19
CA ARG B 208 23.02 -7.10 -5.62
C ARG B 208 23.12 -7.17 -4.10
N HIS B 209 23.74 -8.23 -3.58
CA HIS B 209 23.88 -8.44 -2.13
C HIS B 209 25.22 -9.07 -1.85
N ILE B 210 25.55 -9.25 -0.60
CA ILE B 210 26.80 -9.83 -0.15
C ILE B 210 26.58 -10.48 1.21
N CYS B 211 27.58 -11.21 1.67
CA CYS B 211 27.56 -11.94 2.94
C CYS B 211 28.62 -11.36 3.89
N TYR B 212 28.36 -11.48 5.19
CA TYR B 212 29.19 -10.90 6.25
C TYR B 212 29.57 -12.01 7.23
N PRO B 213 30.53 -12.87 6.87
CA PRO B 213 30.88 -13.98 7.77
C PRO B 213 31.48 -13.49 9.07
N HIS B 214 30.88 -13.92 10.18
CA HIS B 214 31.26 -13.51 11.52
C HIS B 214 31.41 -14.74 12.40
N PHE B 215 32.51 -14.80 13.14
CA PHE B 215 32.77 -15.88 14.08
C PHE B 215 32.26 -15.47 15.45
N THR B 216 31.31 -16.24 15.98
CA THR B 216 30.58 -15.89 17.20
C THR B 216 30.70 -17.02 18.20
N CYS B 217 31.36 -16.76 19.32
CA CYS B 217 31.33 -17.70 20.43
C CYS B 217 29.93 -17.69 21.06
N ALA B 218 29.63 -18.77 21.78
CA ALA B 218 28.34 -18.83 22.49
C ALA B 218 28.25 -17.75 23.54
N VAL B 219 29.31 -17.59 24.34
CA VAL B 219 29.40 -16.50 25.32
C VAL B 219 30.15 -15.37 24.63
N ASP B 220 29.40 -14.54 23.90
CA ASP B 220 29.91 -13.36 23.23
C ASP B 220 29.08 -12.17 23.70
N THR B 221 29.76 -11.09 24.12
CA THR B 221 29.07 -9.99 24.77
C THR B 221 28.14 -9.27 23.82
N GLU B 222 28.62 -8.97 22.61
CA GLU B 222 27.88 -8.14 21.65
C GLU B 222 27.89 -8.81 20.27
N ASN B 223 26.70 -9.15 19.80
CA ASN B 223 26.43 -9.34 18.38
C ASN B 223 25.55 -8.24 17.81
N ALA B 224 24.92 -7.43 18.68
CA ALA B 224 24.14 -6.29 18.22
C ALA B 224 25.02 -5.28 17.49
N ARG B 225 26.24 -5.07 17.98
CA ARG B 225 27.20 -4.14 17.36
C ARG B 225 27.56 -4.65 15.97
N ARG B 226 27.72 -5.98 15.80
CA ARG B 226 28.05 -6.56 14.51
C ARG B 226 26.86 -6.42 13.55
N ILE B 227 25.66 -6.71 14.03
CA ILE B 227 24.46 -6.59 13.19
C ILE B 227 24.27 -5.14 12.77
N PHE B 228 24.53 -4.20 13.69
CA PHE B 228 24.38 -2.79 13.38
C PHE B 228 25.38 -2.35 12.32
N ASN B 229 26.64 -2.79 12.43
CA ASN B 229 27.65 -2.40 11.44
C ASN B 229 27.32 -2.99 10.07
N ASP B 230 26.93 -4.25 10.01
CA ASP B 230 26.57 -4.81 8.70
C ASP B 230 25.29 -4.20 8.15
N CYS B 231 24.35 -3.80 9.02
CA CYS B 231 23.16 -3.11 8.53
C CYS B 231 23.52 -1.74 7.97
N LYS B 232 24.43 -1.03 8.63
CA LYS B 232 24.91 0.23 8.08
C LYS B 232 25.59 0.02 6.74
N ASP B 233 26.37 -1.05 6.60
CA ASP B 233 27.03 -1.31 5.32
C ASP B 233 25.99 -1.63 4.25
N ILE B 234 24.95 -2.40 4.59
CA ILE B 234 23.92 -2.73 3.61
C ILE B 234 23.21 -1.47 3.14
N ILE B 235 22.85 -0.60 4.09
CA ILE B 235 22.15 0.63 3.74
C ILE B 235 23.06 1.55 2.95
N LEU B 236 24.35 1.61 3.32
CA LEU B 236 25.30 2.45 2.61
C LEU B 236 25.48 1.97 1.17
N GLN B 237 25.55 0.67 0.96
CA GLN B 237 25.68 0.15 -0.39
C GLN B 237 24.41 0.36 -1.20
N MET B 238 23.25 0.25 -0.54
CA MET B 238 22.00 0.57 -1.21
C MET B 238 21.97 2.05 -1.64
N ASN B 239 22.47 2.93 -0.77
CA ASN B 239 22.53 4.35 -1.11
C ASN B 239 23.51 4.60 -2.25
N LEU B 240 24.68 3.96 -2.21
CA LEU B 240 25.65 4.12 -3.30
C LEU B 240 25.09 3.60 -4.62
N ARG B 241 24.22 2.59 -4.58
CA ARG B 241 23.57 2.11 -5.79
C ARG B 241 22.46 3.07 -6.23
N GLU B 242 21.76 3.68 -5.28
CA GLU B 242 20.64 4.55 -5.62
C GLU B 242 21.11 5.88 -6.19
N TYR B 243 22.20 6.43 -5.67
CA TYR B 243 22.74 7.70 -6.16
C TYR B 243 23.55 7.54 -7.44
N ASN B 244 23.53 6.38 -8.09
CA ASN B 244 24.16 6.17 -9.39
C ASN B 244 25.68 6.30 -9.32
N LEU B 245 26.27 6.09 -8.15
CA LEU B 245 27.73 6.10 -8.05
C LEU B 245 28.34 4.80 -8.56
N VAL B 246 27.68 3.67 -8.32
CA VAL B 246 28.17 2.35 -8.72
C VAL B 246 27.36 1.86 -9.91
N GLN C 31 -4.15 -51.04 -6.97
CA GLN C 31 -5.08 -51.69 -7.88
C GLN C 31 -6.36 -50.86 -8.03
N LEU C 32 -6.82 -50.29 -6.92
CA LEU C 32 -8.01 -49.46 -6.96
C LEU C 32 -7.79 -48.21 -7.80
N LYS C 33 -6.59 -47.62 -7.70
CA LYS C 33 -6.30 -46.43 -8.49
C LYS C 33 -6.32 -46.72 -9.98
N ASN C 34 -5.82 -47.89 -10.38
CA ASN C 34 -5.86 -48.26 -11.79
C ASN C 34 -7.30 -48.40 -12.29
N GLN C 35 -8.17 -48.98 -11.47
CA GLN C 35 -9.58 -49.09 -11.85
C GLN C 35 -10.22 -47.71 -11.95
N ILE C 36 -9.87 -46.79 -11.06
CA ILE C 36 -10.42 -45.44 -11.10
C ILE C 36 -9.98 -44.74 -12.38
N ARG C 37 -8.70 -44.89 -12.75
CA ARG C 37 -8.21 -44.25 -13.97
C ARG C 37 -8.88 -44.84 -15.21
N ASP C 38 -9.19 -46.14 -15.17
CA ASP C 38 -9.84 -46.77 -16.33
C ASP C 38 -11.22 -46.17 -16.59
N ALA C 39 -11.98 -45.90 -15.53
CA ALA C 39 -13.32 -45.34 -15.70
C ALA C 39 -13.25 -43.94 -16.32
N ARG C 40 -12.27 -43.14 -15.92
CA ARG C 40 -12.15 -41.79 -16.46
C ARG C 40 -11.84 -41.81 -17.95
N LYS C 41 -10.99 -42.75 -18.38
CA LYS C 41 -10.60 -42.82 -19.79
C LYS C 41 -11.80 -43.16 -20.67
N ALA C 42 -12.62 -44.12 -20.26
CA ALA C 42 -13.79 -44.50 -21.04
C ALA C 42 -14.85 -43.41 -21.02
N CYS C 43 -14.87 -42.58 -19.97
CA CYS C 43 -15.92 -41.57 -19.84
C CYS C 43 -15.83 -40.52 -20.93
N ALA C 44 -14.63 -40.12 -21.31
CA ALA C 44 -14.43 -39.00 -22.24
C ALA C 44 -14.60 -39.49 -23.67
N ASP C 45 -15.72 -39.10 -24.29
CA ASP C 45 -15.97 -39.42 -25.69
C ASP C 45 -15.45 -38.32 -26.61
N ALA C 46 -15.47 -37.07 -26.15
CA ALA C 46 -15.04 -35.93 -26.96
C ALA C 46 -14.38 -34.90 -26.05
N THR C 47 -13.63 -33.99 -26.67
CA THR C 47 -12.95 -32.93 -25.95
C THR C 47 -13.83 -31.69 -25.85
N LEU C 48 -13.62 -30.92 -24.79
CA LEU C 48 -14.34 -29.67 -24.64
C LEU C 48 -13.97 -28.68 -25.74
N SER C 49 -12.74 -28.76 -26.26
CA SER C 49 -12.34 -27.91 -27.38
C SER C 49 -13.17 -28.22 -28.63
N GLN C 50 -13.24 -29.50 -29.00
CA GLN C 50 -13.93 -29.86 -30.23
C GLN C 50 -15.45 -29.69 -30.08
N ILE C 51 -15.98 -29.92 -28.88
CA ILE C 51 -17.39 -29.64 -28.63
C ILE C 51 -17.64 -28.14 -28.72
N THR C 52 -16.68 -27.33 -28.25
CA THR C 52 -16.82 -25.88 -28.22
C THR C 52 -16.57 -25.23 -29.58
N ASN C 53 -15.89 -25.93 -30.50
CA ASN C 53 -15.27 -25.28 -31.66
C ASN C 53 -16.28 -24.55 -32.56
N ASN C 54 -17.55 -24.96 -32.53
CA ASN C 54 -18.60 -24.32 -33.32
C ASN C 54 -19.32 -23.24 -32.50
N ILE C 55 -18.53 -22.35 -31.90
CA ILE C 55 -19.03 -21.24 -31.11
C ILE C 55 -18.20 -20.00 -31.47
N ASP C 56 -18.87 -18.85 -31.50
CA ASP C 56 -18.21 -17.60 -31.86
C ASP C 56 -17.15 -17.25 -30.83
N PRO C 57 -15.89 -16.97 -31.22
CA PRO C 57 -14.94 -16.42 -30.27
C PRO C 57 -15.41 -15.10 -29.64
N VAL C 58 -15.02 -14.91 -28.38
CA VAL C 58 -15.20 -13.61 -27.74
C VAL C 58 -14.37 -12.55 -28.46
N GLY C 59 -13.21 -12.92 -28.99
CA GLY C 59 -12.39 -11.96 -29.70
C GLY C 59 -11.50 -11.20 -28.74
N ARG C 60 -11.53 -9.88 -28.83
CA ARG C 60 -10.72 -8.98 -28.01
C ARG C 60 -11.63 -8.26 -27.03
N ILE C 61 -11.23 -8.25 -25.76
CA ILE C 61 -11.91 -7.50 -24.71
C ILE C 61 -10.86 -6.65 -23.98
N GLN C 62 -11.15 -5.37 -23.83
CA GLN C 62 -10.27 -4.41 -23.17
C GLN C 62 -11.00 -3.80 -21.99
N MET C 63 -10.29 -3.67 -20.86
CA MET C 63 -10.83 -3.11 -19.64
C MET C 63 -9.79 -2.18 -19.04
N ARG C 64 -10.24 -0.99 -18.63
CA ARG C 64 -9.39 0.08 -18.16
C ARG C 64 -9.64 0.32 -16.67
N THR C 65 -8.56 0.60 -15.94
CA THR C 65 -8.67 0.80 -14.49
C THR C 65 -9.51 2.05 -14.21
N ARG C 66 -10.69 1.84 -13.64
CA ARG C 66 -11.54 2.97 -13.30
C ARG C 66 -11.04 3.70 -12.06
N ARG C 67 -10.51 2.95 -11.09
CA ARG C 67 -10.08 3.51 -9.81
C ARG C 67 -8.81 2.82 -9.34
N THR C 68 -8.09 3.52 -8.48
CA THR C 68 -6.95 2.98 -7.76
C THR C 68 -7.05 3.47 -6.31
N LEU C 69 -6.88 2.56 -5.36
CA LEU C 69 -7.12 2.84 -3.95
C LEU C 69 -5.78 2.94 -3.22
N ARG C 70 -5.43 4.17 -2.83
CA ARG C 70 -4.19 4.45 -2.12
C ARG C 70 -4.41 4.19 -0.63
N GLY C 71 -3.35 4.42 0.16
CA GLY C 71 -3.42 4.34 1.60
C GLY C 71 -2.91 3.06 2.22
N HIS C 72 -2.37 2.14 1.42
CA HIS C 72 -1.72 0.94 1.92
C HIS C 72 -0.21 1.19 1.89
N LEU C 73 0.43 1.03 3.04
CA LEU C 73 1.85 1.34 3.21
C LEU C 73 2.76 0.16 2.91
N ALA C 74 2.22 -1.01 2.61
CA ALA C 74 3.03 -2.20 2.36
C ALA C 74 2.29 -3.09 1.40
N LYS C 75 2.84 -4.27 1.17
CA LYS C 75 2.25 -5.20 0.20
C LYS C 75 0.84 -5.62 0.60
N ILE C 76 -0.03 -5.70 -0.41
CA ILE C 76 -1.39 -6.22 -0.24
C ILE C 76 -1.36 -7.72 -0.51
N TYR C 77 -1.67 -8.49 0.52
CA TYR C 77 -1.64 -9.95 0.48
C TYR C 77 -2.96 -10.57 0.03
N ALA C 78 -4.10 -9.96 0.38
CA ALA C 78 -5.38 -10.54 -0.01
C ALA C 78 -6.48 -9.49 0.06
N MET C 79 -7.61 -9.81 -0.58
CA MET C 79 -8.78 -8.95 -0.61
C MET C 79 -10.02 -9.82 -0.72
N HIS C 80 -11.17 -9.22 -0.42
CA HIS C 80 -12.45 -9.88 -0.70
C HIS C 80 -13.55 -8.85 -0.85
N TRP C 81 -14.31 -8.96 -1.94
CA TRP C 81 -15.47 -8.12 -2.16
C TRP C 81 -16.58 -8.43 -1.16
N GLY C 82 -17.42 -7.45 -0.89
CA GLY C 82 -18.63 -7.67 -0.14
C GLY C 82 -19.73 -8.22 -1.02
N THR C 83 -20.83 -8.62 -0.38
CA THR C 83 -21.98 -9.12 -1.13
C THR C 83 -22.66 -8.00 -1.91
N ASP C 84 -22.79 -6.82 -1.29
CA ASP C 84 -23.38 -5.69 -2.00
C ASP C 84 -22.53 -5.26 -3.20
N SER C 85 -21.23 -5.51 -3.16
CA SER C 85 -20.23 -5.21 -4.18
C SER C 85 -19.81 -3.75 -4.17
N ARG C 86 -20.39 -2.90 -3.33
CA ARG C 86 -19.84 -1.56 -3.13
C ARG C 86 -18.60 -1.62 -2.25
N LEU C 87 -18.61 -2.49 -1.24
CA LEU C 87 -17.56 -2.54 -0.23
C LEU C 87 -16.59 -3.68 -0.52
N LEU C 88 -15.34 -3.47 -0.17
CA LEU C 88 -14.35 -4.54 -0.17
C LEU C 88 -13.39 -4.31 0.99
N VAL C 89 -12.74 -5.40 1.40
CA VAL C 89 -11.76 -5.39 2.48
C VAL C 89 -10.45 -5.90 1.91
N SER C 90 -9.34 -5.28 2.30
CA SER C 90 -8.01 -5.67 1.86
C SER C 90 -7.06 -5.69 3.05
N ALA C 91 -6.16 -6.67 3.06
CA ALA C 91 -5.21 -6.89 4.14
C ALA C 91 -3.79 -6.74 3.59
N SER C 92 -2.88 -6.29 4.46
CA SER C 92 -1.53 -5.94 4.05
C SER C 92 -0.52 -6.29 5.14
N GLN C 93 0.76 -6.25 4.79
CA GLN C 93 1.80 -6.51 5.83
C GLN C 93 1.84 -5.31 6.79
N ASP C 94 1.38 -4.13 6.36
CA ASP C 94 1.50 -2.97 7.24
C ASP C 94 0.81 -3.14 8.58
N GLY C 95 -0.03 -4.16 8.75
CA GLY C 95 -0.75 -4.36 9.99
C GLY C 95 -2.10 -3.68 10.03
N LYS C 96 -2.71 -3.44 8.87
CA LYS C 96 -3.97 -2.73 8.76
C LYS C 96 -4.91 -3.50 7.85
N LEU C 97 -6.13 -3.73 8.33
CA LEU C 97 -7.23 -4.29 7.56
C LEU C 97 -8.25 -3.18 7.38
N ILE C 98 -8.34 -2.63 6.16
CA ILE C 98 -9.06 -1.40 5.89
C ILE C 98 -10.14 -1.71 4.85
N ILE C 99 -11.40 -1.41 5.22
CA ILE C 99 -12.56 -1.58 4.34
C ILE C 99 -12.74 -0.29 3.54
N TRP C 100 -13.08 -0.44 2.26
CA TRP C 100 -13.23 0.69 1.34
C TRP C 100 -14.66 0.78 0.85
N ASP C 101 -15.04 2.00 0.47
CA ASP C 101 -16.19 2.26 -0.38
C ASP C 101 -15.66 2.38 -1.80
N SER C 102 -15.93 1.38 -2.63
CA SER C 102 -15.28 1.30 -3.94
C SER C 102 -15.71 2.44 -4.85
N TYR C 103 -16.98 2.82 -4.79
CA TYR C 103 -17.47 3.85 -5.72
C TYR C 103 -16.84 5.20 -5.45
N THR C 104 -16.77 5.59 -4.17
CA THR C 104 -16.21 6.88 -3.78
C THR C 104 -14.73 6.81 -3.36
N THR C 105 -14.15 5.62 -3.28
CA THR C 105 -12.73 5.46 -2.91
C THR C 105 -12.47 5.97 -1.50
N ASN C 106 -13.43 5.76 -0.60
CA ASN C 106 -13.36 6.22 0.78
C ASN C 106 -13.16 5.04 1.70
N LYS C 107 -12.33 5.22 2.72
CA LYS C 107 -12.06 4.15 3.69
C LYS C 107 -13.15 4.18 4.75
N VAL C 108 -13.94 3.11 4.82
CA VAL C 108 -15.04 3.06 5.77
C VAL C 108 -14.51 2.85 7.19
N HIS C 109 -13.61 1.88 7.36
CA HIS C 109 -13.07 1.50 8.66
C HIS C 109 -11.57 1.30 8.53
N ALA C 110 -10.90 1.36 9.69
CA ALA C 110 -9.50 0.97 9.80
C ALA C 110 -9.32 0.19 11.09
N ILE C 111 -8.78 -1.01 10.96
CA ILE C 111 -8.73 -1.98 12.05
C ILE C 111 -7.26 -2.27 12.34
N PRO C 112 -6.72 -1.93 13.52
CA PRO C 112 -5.35 -2.35 13.83
C PRO C 112 -5.27 -3.86 14.00
N LEU C 113 -4.32 -4.47 13.30
CA LEU C 113 -4.08 -5.91 13.36
C LEU C 113 -2.98 -6.18 14.38
N ARG C 114 -3.23 -7.14 15.27
CA ARG C 114 -2.26 -7.44 16.33
C ARG C 114 -0.96 -7.99 15.74
N SER C 115 -1.04 -8.72 14.63
CA SER C 115 0.10 -9.34 13.97
C SER C 115 0.19 -8.86 12.53
N SER C 116 1.40 -8.53 12.10
CA SER C 116 1.61 -8.04 10.74
C SER C 116 1.51 -9.15 9.69
N TRP C 117 1.48 -10.42 10.10
CA TRP C 117 1.44 -11.55 9.18
C TRP C 117 -0.01 -11.92 8.93
N VAL C 118 -0.47 -11.71 7.69
CA VAL C 118 -1.85 -11.95 7.32
C VAL C 118 -1.88 -12.41 5.86
N MET C 119 -2.17 -13.69 5.64
CA MET C 119 -2.25 -14.24 4.29
C MET C 119 -3.66 -14.22 3.71
N THR C 120 -4.65 -13.71 4.44
CA THR C 120 -6.01 -13.78 3.94
C THR C 120 -6.92 -12.82 4.70
N CYS C 121 -7.99 -12.42 4.03
CA CYS C 121 -9.09 -11.69 4.65
C CYS C 121 -10.38 -12.16 3.99
N ALA C 122 -11.49 -12.03 4.71
CA ALA C 122 -12.76 -12.54 4.23
C ALA C 122 -13.89 -11.68 4.77
N TYR C 123 -14.84 -11.38 3.88
CA TYR C 123 -16.02 -10.56 4.26
C TYR C 123 -17.23 -11.49 4.35
N ALA C 124 -18.02 -11.38 5.41
CA ALA C 124 -19.16 -12.24 5.61
C ALA C 124 -20.22 -11.96 4.55
N PRO C 125 -21.07 -12.94 4.21
CA PRO C 125 -22.09 -12.67 3.19
C PRO C 125 -23.07 -11.60 3.60
N SER C 126 -23.42 -11.53 4.89
CA SER C 126 -24.34 -10.52 5.37
C SER C 126 -23.69 -9.15 5.45
N GLY C 127 -22.38 -9.09 5.69
CA GLY C 127 -21.66 -7.84 5.81
C GLY C 127 -21.41 -7.38 7.23
N ASN C 128 -21.89 -8.11 8.24
CA ASN C 128 -21.66 -7.70 9.62
C ASN C 128 -20.23 -7.98 10.08
N TYR C 129 -19.60 -9.04 9.57
CA TYR C 129 -18.31 -9.50 10.04
C TYR C 129 -17.28 -9.48 8.92
N VAL C 130 -16.02 -9.35 9.33
CA VAL C 130 -14.87 -9.53 8.45
C VAL C 130 -13.82 -10.31 9.21
N ALA C 131 -13.20 -11.29 8.54
CA ALA C 131 -12.29 -12.23 9.17
C ALA C 131 -10.87 -12.04 8.65
N CYS C 132 -9.91 -12.49 9.45
CA CYS C 132 -8.50 -12.29 9.17
C CYS C 132 -7.70 -13.49 9.65
N GLY C 133 -6.80 -13.99 8.81
CA GLY C 133 -5.97 -15.13 9.16
C GLY C 133 -4.56 -14.96 8.64
N GLY C 134 -3.62 -15.55 9.35
CA GLY C 134 -2.22 -15.39 9.01
C GLY C 134 -1.32 -16.41 9.67
N LEU C 135 -0.02 -16.10 9.64
CA LEU C 135 0.99 -17.02 10.16
C LEU C 135 0.88 -17.26 11.66
N ASP C 136 0.13 -16.42 12.38
CA ASP C 136 -0.01 -16.57 13.82
C ASP C 136 -0.97 -17.69 14.24
N ASN C 137 -1.40 -18.55 13.32
CA ASN C 137 -2.12 -19.79 13.57
C ASN C 137 -3.55 -19.56 14.06
N ILE C 138 -4.05 -18.33 13.96
CA ILE C 138 -5.37 -17.96 14.50
C ILE C 138 -6.17 -17.26 13.42
N CYS C 139 -7.48 -17.51 13.42
CA CYS C 139 -8.45 -16.75 12.64
C CYS C 139 -9.15 -15.79 13.59
N SER C 140 -9.10 -14.50 13.27
CA SER C 140 -9.71 -13.45 14.07
C SER C 140 -10.94 -12.93 13.36
N ILE C 141 -12.07 -12.91 14.06
CA ILE C 141 -13.35 -12.43 13.52
C ILE C 141 -13.62 -11.06 14.11
N TYR C 142 -13.80 -10.08 13.24
CA TYR C 142 -14.00 -8.69 13.62
C TYR C 142 -15.47 -8.31 13.45
N ASN C 143 -16.04 -7.66 14.47
CA ASN C 143 -17.43 -7.23 14.45
C ASN C 143 -17.47 -5.80 13.92
N LEU C 144 -17.79 -5.65 12.64
CA LEU C 144 -17.78 -4.32 12.03
C LEU C 144 -18.90 -3.45 12.57
N LYS C 145 -20.13 -3.97 12.59
CA LYS C 145 -21.31 -3.20 12.98
C LYS C 145 -21.61 -3.47 14.45
N THR C 146 -21.43 -2.44 15.28
CA THR C 146 -21.66 -2.57 16.71
C THR C 146 -21.95 -1.20 17.29
N ARG C 147 -22.58 -1.20 18.46
CA ARG C 147 -22.67 0.03 19.23
C ARG C 147 -21.27 0.41 19.69
N GLU C 148 -21.09 1.69 19.97
CA GLU C 148 -19.82 2.36 20.31
C GLU C 148 -18.97 2.67 19.08
N GLY C 149 -19.37 2.25 17.89
CA GLY C 149 -18.77 2.74 16.65
C GLY C 149 -17.30 2.45 16.48
N ASN C 150 -16.85 1.27 16.91
CA ASN C 150 -15.47 0.83 16.67
C ASN C 150 -15.49 -0.66 16.35
N VAL C 151 -14.46 -1.10 15.65
CA VAL C 151 -14.33 -2.50 15.24
C VAL C 151 -13.56 -3.23 16.33
N ARG C 152 -14.14 -4.33 16.82
CA ARG C 152 -13.57 -5.14 17.90
C ARG C 152 -13.60 -6.60 17.50
N VAL C 153 -12.74 -7.39 18.15
CA VAL C 153 -12.56 -8.79 17.81
C VAL C 153 -13.64 -9.57 18.57
N SER C 154 -14.68 -10.00 17.85
CA SER C 154 -15.73 -10.78 18.48
C SER C 154 -15.23 -12.15 18.90
N ARG C 155 -14.47 -12.82 18.03
CA ARG C 155 -14.04 -14.22 18.28
C ARG C 155 -12.67 -14.55 17.68
N GLU C 156 -11.73 -15.06 18.48
CA GLU C 156 -10.42 -15.50 18.02
C GLU C 156 -10.42 -17.02 18.02
N LEU C 157 -10.17 -17.61 16.85
CA LEU C 157 -10.28 -19.05 16.65
C LEU C 157 -8.89 -19.66 16.68
N ALA C 158 -8.70 -20.67 17.52
CA ALA C 158 -7.43 -21.35 17.67
C ALA C 158 -7.67 -22.85 17.68
N GLY C 159 -6.63 -23.60 17.28
CA GLY C 159 -6.70 -25.04 17.14
C GLY C 159 -6.01 -25.58 15.90
N HIS C 160 -5.47 -24.71 15.06
CA HIS C 160 -4.76 -25.09 13.84
C HIS C 160 -3.27 -25.05 14.07
N THR C 161 -2.56 -26.09 13.63
CA THR C 161 -1.12 -26.18 13.81
C THR C 161 -0.35 -25.37 12.77
N GLY C 162 -0.97 -24.98 11.65
CA GLY C 162 -0.27 -24.36 10.55
C GLY C 162 -0.92 -23.04 10.15
N TYR C 163 -0.20 -22.29 9.33
CA TYR C 163 -0.67 -20.98 8.90
C TYR C 163 -1.96 -21.12 8.09
N LEU C 164 -2.89 -20.18 8.31
CA LEU C 164 -4.19 -20.20 7.65
C LEU C 164 -4.06 -19.54 6.28
N SER C 165 -4.24 -20.34 5.23
CA SER C 165 -4.09 -19.83 3.88
C SER C 165 -5.34 -19.09 3.39
N CYS C 166 -6.52 -19.56 3.76
CA CYS C 166 -7.77 -18.98 3.30
C CYS C 166 -8.87 -19.20 4.33
N CYS C 167 -9.71 -18.18 4.51
CA CYS C 167 -10.91 -18.23 5.32
C CYS C 167 -12.09 -17.82 4.45
N ARG C 168 -13.20 -18.56 4.56
CA ARG C 168 -14.42 -18.23 3.86
C ARG C 168 -15.61 -18.55 4.75
N PHE C 169 -16.61 -17.68 4.74
CA PHE C 169 -17.79 -17.83 5.59
C PHE C 169 -18.82 -18.67 4.87
N LEU C 170 -19.30 -19.74 5.53
CA LEU C 170 -20.53 -20.38 5.09
C LEU C 170 -21.72 -19.48 5.37
N ASP C 171 -21.96 -19.21 6.66
CA ASP C 171 -22.94 -18.24 7.14
C ASP C 171 -22.21 -17.30 8.10
N ASP C 172 -22.97 -16.42 8.74
CA ASP C 172 -22.37 -15.54 9.74
C ASP C 172 -21.89 -16.34 10.95
N ASN C 173 -22.60 -17.41 11.31
CA ASN C 173 -22.29 -18.16 12.51
C ASN C 173 -21.14 -19.15 12.32
N GLN C 174 -20.89 -19.60 11.08
CA GLN C 174 -19.91 -20.65 10.80
C GLN C 174 -18.96 -20.23 9.70
N ILE C 175 -17.70 -20.64 9.83
CA ILE C 175 -16.62 -20.33 8.90
C ILE C 175 -15.81 -21.59 8.67
N VAL C 176 -15.13 -21.66 7.52
CA VAL C 176 -14.17 -22.71 7.21
C VAL C 176 -12.82 -22.06 6.95
N THR C 177 -11.76 -22.65 7.48
CA THR C 177 -10.40 -22.14 7.35
C THR C 177 -9.50 -23.22 6.79
N SER C 178 -8.73 -22.86 5.77
CA SER C 178 -7.74 -23.73 5.15
C SER C 178 -6.36 -23.42 5.71
N SER C 179 -5.62 -24.46 6.09
CA SER C 179 -4.41 -24.31 6.89
C SER C 179 -3.24 -25.02 6.23
N GLY C 180 -2.03 -24.61 6.64
CA GLY C 180 -0.81 -25.20 6.15
C GLY C 180 -0.39 -26.49 6.82
N ASP C 181 -1.10 -26.91 7.87
CA ASP C 181 -0.86 -28.19 8.52
C ASP C 181 -1.56 -29.36 7.85
N THR C 182 -2.04 -29.20 6.60
CA THR C 182 -2.63 -30.25 5.78
C THR C 182 -4.03 -30.60 6.25
N THR C 183 -4.71 -29.73 6.99
CA THR C 183 -6.07 -29.97 7.48
C THR C 183 -6.90 -28.71 7.27
N CYS C 184 -8.09 -28.89 6.70
CA CYS C 184 -9.12 -27.87 6.66
C CYS C 184 -10.13 -28.18 7.76
N ALA C 185 -10.70 -27.12 8.34
CA ALA C 185 -11.62 -27.23 9.46
C ALA C 185 -12.81 -26.33 9.25
N LEU C 186 -13.96 -26.78 9.74
CA LEU C 186 -15.18 -25.98 9.80
C LEU C 186 -15.44 -25.64 11.26
N TRP C 187 -15.62 -24.35 11.54
CA TRP C 187 -15.86 -23.85 12.88
C TRP C 187 -17.27 -23.30 12.98
N ASP C 188 -17.62 -22.99 14.24
CA ASP C 188 -18.86 -22.23 14.57
C ASP C 188 -18.27 -21.07 15.38
N ILE C 189 -18.67 -19.82 15.13
CA ILE C 189 -18.01 -18.66 15.72
C ILE C 189 -18.43 -18.48 17.17
N GLU C 190 -19.66 -18.87 17.52
CA GLU C 190 -20.17 -18.65 18.87
C GLU C 190 -19.40 -19.47 19.90
N THR C 191 -19.26 -20.78 19.65
CA THR C 191 -18.55 -21.65 20.59
C THR C 191 -17.05 -21.58 20.39
N GLY C 192 -16.59 -21.47 19.15
CA GLY C 192 -15.16 -21.41 18.86
C GLY C 192 -14.47 -22.75 18.76
N GLN C 193 -15.22 -23.84 18.58
CA GLN C 193 -14.67 -25.19 18.49
C GLN C 193 -14.96 -25.76 17.12
N GLN C 194 -14.03 -26.58 16.63
CA GLN C 194 -14.17 -27.16 15.30
C GLN C 194 -15.30 -28.19 15.28
N THR C 195 -16.38 -27.87 14.57
CA THR C 195 -17.46 -28.83 14.41
C THR C 195 -16.99 -30.05 13.62
N THR C 196 -16.21 -29.83 12.57
CA THR C 196 -15.73 -30.89 11.69
C THR C 196 -14.31 -30.56 11.27
N THR C 197 -13.54 -31.60 10.97
CA THR C 197 -12.19 -31.48 10.45
C THR C 197 -12.09 -32.33 9.20
N PHE C 198 -11.40 -31.80 8.19
CA PHE C 198 -11.29 -32.41 6.86
C PHE C 198 -9.82 -32.83 6.68
N THR C 199 -9.49 -34.11 6.60
CA THR C 199 -8.06 -34.53 6.69
C THR C 199 -7.45 -35.39 5.58
N GLY C 200 -7.86 -35.26 4.35
CA GLY C 200 -7.36 -36.16 3.29
C GLY C 200 -6.14 -35.66 2.53
N HIS C 201 -5.62 -34.48 2.77
CA HIS C 201 -4.51 -33.96 1.92
C HIS C 201 -3.16 -34.45 2.37
N THR C 202 -2.14 -34.31 1.53
CA THR C 202 -0.75 -34.68 1.84
C THR C 202 0.20 -33.49 1.81
N GLY C 203 -0.32 -32.26 1.67
CA GLY C 203 0.52 -31.07 1.66
C GLY C 203 -0.24 -29.89 2.21
N ASP C 204 0.42 -28.74 2.21
CA ASP C 204 -0.22 -27.51 2.70
C ASP C 204 -1.37 -27.14 1.78
N VAL C 205 -2.50 -26.78 2.39
CA VAL C 205 -3.68 -26.35 1.64
C VAL C 205 -3.56 -24.85 1.40
N MET C 206 -3.37 -24.46 0.15
CA MET C 206 -3.12 -23.06 -0.18
C MET C 206 -4.41 -22.25 -0.28
N SER C 207 -5.50 -22.87 -0.73
CA SER C 207 -6.70 -22.12 -1.09
C SER C 207 -7.95 -22.95 -0.82
N LEU C 208 -9.04 -22.25 -0.57
CA LEU C 208 -10.36 -22.84 -0.34
C LEU C 208 -11.38 -22.00 -1.09
N SER C 209 -12.33 -22.66 -1.73
CA SER C 209 -13.40 -21.98 -2.48
C SER C 209 -14.72 -22.66 -2.19
N LEU C 210 -15.69 -21.88 -1.72
CA LEU C 210 -17.00 -22.41 -1.37
C LEU C 210 -17.89 -22.49 -2.60
N ALA C 211 -18.72 -23.53 -2.66
CA ALA C 211 -19.66 -23.67 -3.76
C ALA C 211 -20.75 -22.62 -3.65
N PRO C 212 -21.48 -22.35 -4.75
CA PRO C 212 -22.60 -21.40 -4.64
C PRO C 212 -23.68 -21.84 -3.67
N ASP C 213 -23.94 -23.14 -3.56
CA ASP C 213 -25.00 -23.66 -2.71
C ASP C 213 -24.59 -23.82 -1.25
N THR C 214 -23.31 -23.66 -0.91
CA THR C 214 -22.71 -23.66 0.43
C THR C 214 -22.62 -25.09 1.00
N ARG C 215 -23.26 -26.10 0.40
CA ARG C 215 -23.27 -27.43 1.00
C ARG C 215 -21.94 -28.16 0.83
N LEU C 216 -21.04 -27.69 -0.03
CA LEU C 216 -19.79 -28.39 -0.32
C LEU C 216 -18.76 -27.36 -0.77
N PHE C 217 -17.49 -27.69 -0.57
CA PHE C 217 -16.39 -26.81 -0.96
C PHE C 217 -15.24 -27.63 -1.52
N VAL C 218 -14.33 -26.93 -2.18
CA VAL C 218 -13.20 -27.51 -2.91
C VAL C 218 -11.93 -26.85 -2.41
N SER C 219 -10.90 -27.65 -2.14
CA SER C 219 -9.63 -27.20 -1.61
C SER C 219 -8.50 -27.50 -2.57
N GLY C 220 -7.55 -26.56 -2.67
CA GLY C 220 -6.33 -26.74 -3.43
C GLY C 220 -5.11 -26.76 -2.52
N ALA C 221 -4.18 -27.67 -2.75
CA ALA C 221 -3.08 -27.90 -1.82
C ALA C 221 -1.78 -28.17 -2.56
N CYS C 222 -0.68 -27.96 -1.85
CA CYS C 222 0.65 -27.98 -2.47
C CYS C 222 1.05 -29.34 -3.01
N ASP C 223 0.33 -30.42 -2.65
CA ASP C 223 0.65 -31.76 -3.22
C ASP C 223 0.17 -31.88 -4.67
N ALA C 224 -0.52 -30.87 -5.20
CA ALA C 224 -0.96 -30.82 -6.58
C ALA C 224 -2.25 -31.61 -6.82
N SER C 225 -3.02 -31.91 -5.78
CA SER C 225 -4.31 -32.56 -5.89
C SER C 225 -5.39 -31.67 -5.29
N ALA C 226 -6.50 -31.52 -6.02
CA ALA C 226 -7.66 -30.77 -5.57
C ALA C 226 -8.74 -31.75 -5.13
N LYS C 227 -9.26 -31.55 -3.91
CA LYS C 227 -10.26 -32.42 -3.31
C LYS C 227 -11.58 -31.69 -3.19
N LEU C 228 -12.67 -32.41 -3.46
CA LEU C 228 -14.02 -31.92 -3.25
C LEU C 228 -14.50 -32.44 -1.90
N TRP C 229 -14.64 -31.55 -0.93
CA TRP C 229 -15.11 -31.88 0.40
C TRP C 229 -16.61 -31.61 0.50
N ASP C 230 -17.25 -32.29 1.45
CA ASP C 230 -18.64 -32.05 1.81
C ASP C 230 -18.67 -31.61 3.27
N VAL C 231 -19.27 -30.45 3.53
CA VAL C 231 -19.20 -29.86 4.87
C VAL C 231 -20.00 -30.67 5.88
N ARG C 232 -21.14 -31.23 5.46
CA ARG C 232 -22.01 -31.91 6.43
C ARG C 232 -21.41 -33.23 6.89
N GLU C 233 -20.90 -34.03 5.96
CA GLU C 233 -20.42 -35.38 6.29
C GLU C 233 -18.96 -35.39 6.74
N GLY C 234 -18.17 -34.40 6.38
CA GLY C 234 -16.77 -34.36 6.78
C GLY C 234 -15.90 -35.43 6.17
N MET C 235 -16.09 -35.72 4.88
CA MET C 235 -15.26 -36.67 4.16
C MET C 235 -15.11 -36.20 2.72
N CYS C 236 -13.99 -36.56 2.10
CA CYS C 236 -13.73 -36.17 0.72
C CYS C 236 -14.58 -37.03 -0.21
N ARG C 237 -15.26 -36.37 -1.16
CA ARG C 237 -16.07 -37.09 -2.14
C ARG C 237 -15.26 -37.42 -3.38
N GLN C 238 -14.44 -36.49 -3.86
CA GLN C 238 -13.65 -36.65 -5.07
C GLN C 238 -12.26 -36.04 -4.86
N THR C 239 -11.28 -36.62 -5.54
CA THR C 239 -9.91 -36.10 -5.60
C THR C 239 -9.51 -36.00 -7.06
N PHE C 240 -9.08 -34.81 -7.46
CA PHE C 240 -8.65 -34.53 -8.83
C PHE C 240 -7.16 -34.20 -8.82
N THR C 241 -6.39 -34.90 -9.65
CA THR C 241 -4.94 -34.72 -9.75
C THR C 241 -4.57 -34.66 -11.23
N GLY C 242 -4.57 -33.44 -11.77
CA GLY C 242 -4.08 -33.17 -13.11
C GLY C 242 -2.98 -32.13 -13.15
N HIS C 243 -2.42 -31.79 -11.99
CA HIS C 243 -1.43 -30.72 -11.86
C HIS C 243 -0.09 -31.34 -11.47
N GLU C 244 0.98 -30.86 -12.10
CA GLU C 244 2.32 -31.35 -11.75
C GLU C 244 2.83 -30.70 -10.47
N SER C 245 2.60 -29.40 -10.31
CA SER C 245 3.14 -28.61 -9.21
C SER C 245 2.02 -28.17 -8.28
N ASP C 246 2.39 -27.40 -7.26
CA ASP C 246 1.43 -26.93 -6.28
C ASP C 246 0.38 -26.04 -6.93
N ILE C 247 -0.85 -26.13 -6.42
CA ILE C 247 -1.97 -25.34 -6.91
C ILE C 247 -2.23 -24.22 -5.90
N ASN C 248 -1.88 -22.99 -6.30
CA ASN C 248 -1.88 -21.87 -5.38
C ASN C 248 -3.29 -21.38 -5.07
N ALA C 249 -4.14 -21.29 -6.09
CA ALA C 249 -5.47 -20.68 -5.96
C ALA C 249 -6.48 -21.49 -6.75
N ILE C 250 -7.74 -21.38 -6.33
CA ILE C 250 -8.81 -22.25 -6.79
C ILE C 250 -10.13 -21.51 -6.67
N CYS C 251 -11.01 -21.72 -7.65
CA CYS C 251 -12.30 -21.03 -7.70
C CYS C 251 -13.34 -21.92 -8.36
N PHE C 252 -14.60 -21.74 -7.93
CA PHE C 252 -15.73 -22.50 -8.45
C PHE C 252 -16.28 -21.84 -9.71
N PHE C 253 -16.71 -22.67 -10.65
CA PHE C 253 -17.49 -22.17 -11.76
C PHE C 253 -18.83 -21.70 -11.19
N PRO C 254 -19.46 -20.64 -11.77
CA PRO C 254 -20.67 -20.09 -11.12
C PRO C 254 -21.81 -21.07 -10.96
N ASN C 255 -21.99 -22.00 -11.91
CA ASN C 255 -23.07 -22.98 -11.80
C ASN C 255 -22.80 -23.96 -10.66
N GLY C 256 -21.54 -24.28 -10.39
CA GLY C 256 -21.15 -25.14 -9.29
C GLY C 256 -20.80 -26.56 -9.66
N ASN C 257 -20.80 -26.92 -10.94
CA ASN C 257 -20.40 -28.24 -11.40
C ASN C 257 -18.97 -28.27 -11.93
N ALA C 258 -18.19 -27.20 -11.74
CA ALA C 258 -16.81 -27.17 -12.21
C ALA C 258 -16.03 -26.18 -11.36
N PHE C 259 -14.72 -26.39 -11.30
CA PHE C 259 -13.81 -25.45 -10.65
C PHE C 259 -12.53 -25.37 -11.46
N ALA C 260 -11.78 -24.29 -11.24
CA ALA C 260 -10.54 -24.01 -11.94
C ALA C 260 -9.43 -23.80 -10.91
N THR C 261 -8.22 -24.25 -11.25
CA THR C 261 -7.07 -24.23 -10.35
C THR C 261 -5.98 -23.33 -10.92
N GLY C 262 -5.13 -22.83 -10.03
CA GLY C 262 -3.97 -22.05 -10.43
C GLY C 262 -2.74 -22.52 -9.69
N SER C 263 -1.61 -22.59 -10.40
CA SER C 263 -0.44 -23.31 -9.95
C SER C 263 0.84 -22.53 -10.25
N ASP C 264 1.95 -23.01 -9.67
CA ASP C 264 3.27 -22.55 -10.08
C ASP C 264 3.66 -23.09 -11.44
N ASP C 265 2.92 -24.06 -11.99
CA ASP C 265 3.18 -24.60 -13.31
C ASP C 265 2.90 -23.59 -14.43
N ALA C 266 2.27 -22.45 -14.14
CA ALA C 266 1.85 -21.45 -15.11
C ALA C 266 0.75 -21.98 -16.03
N THR C 267 -0.03 -22.94 -15.56
CA THR C 267 -1.15 -23.52 -16.31
C THR C 267 -2.36 -23.56 -15.41
N CYS C 268 -3.50 -23.11 -15.93
CA CYS C 268 -4.78 -23.17 -15.23
C CYS C 268 -5.60 -24.29 -15.84
N ARG C 269 -6.12 -25.17 -15.00
CA ARG C 269 -6.81 -26.38 -15.41
C ARG C 269 -8.25 -26.35 -14.89
N LEU C 270 -9.19 -26.54 -15.81
CA LEU C 270 -10.62 -26.51 -15.49
C LEU C 270 -11.08 -27.93 -15.17
N PHE C 271 -11.48 -28.14 -13.92
CA PHE C 271 -11.90 -29.44 -13.43
C PHE C 271 -13.42 -29.49 -13.39
N ASP C 272 -13.98 -30.67 -13.68
CA ASP C 272 -15.41 -30.91 -13.61
C ASP C 272 -15.70 -31.93 -12.52
N LEU C 273 -16.81 -31.73 -11.81
CA LEU C 273 -17.16 -32.58 -10.68
C LEU C 273 -17.89 -33.83 -11.14
N ARG C 274 -18.98 -33.67 -11.89
CA ARG C 274 -19.78 -34.81 -12.31
C ARG C 274 -18.99 -35.72 -13.26
N ALA C 275 -18.25 -35.14 -14.20
CA ALA C 275 -17.46 -35.96 -15.11
C ALA C 275 -16.27 -36.60 -14.40
N ASP C 276 -15.79 -36.00 -13.31
CA ASP C 276 -14.70 -36.51 -12.48
C ASP C 276 -13.37 -36.49 -13.21
N GLN C 277 -13.21 -35.62 -14.21
CA GLN C 277 -11.94 -35.45 -14.90
C GLN C 277 -11.80 -34.01 -15.37
N GLU C 278 -10.57 -33.62 -15.66
CA GLU C 278 -10.30 -32.28 -16.18
C GLU C 278 -10.75 -32.21 -17.62
N LEU C 279 -11.53 -31.17 -17.95
CA LEU C 279 -12.01 -30.99 -19.31
C LEU C 279 -11.00 -30.21 -20.16
N MET C 280 -10.45 -29.14 -19.61
CA MET C 280 -9.68 -28.16 -20.38
C MET C 280 -8.47 -27.71 -19.59
N THR C 281 -7.42 -27.31 -20.31
CA THR C 281 -6.20 -26.75 -19.74
C THR C 281 -5.87 -25.46 -20.47
N TYR C 282 -5.59 -24.41 -19.70
CA TYR C 282 -5.23 -23.09 -20.22
C TYR C 282 -3.74 -22.90 -20.03
N SER C 283 -2.99 -22.85 -21.14
CA SER C 283 -1.56 -22.63 -21.09
C SER C 283 -1.11 -21.98 -22.39
N HIS C 284 -0.08 -21.14 -22.28
CA HIS C 284 0.56 -20.51 -23.42
C HIS C 284 2.06 -20.58 -23.22
N ASP C 285 2.80 -20.69 -24.33
CA ASP C 285 4.25 -20.85 -24.24
C ASP C 285 4.93 -19.60 -23.71
N ASN C 286 4.31 -18.42 -23.91
CA ASN C 286 4.93 -17.18 -23.45
C ASN C 286 4.98 -17.12 -21.92
N ILE C 287 3.92 -17.54 -21.25
CA ILE C 287 3.81 -17.41 -19.80
C ILE C 287 4.48 -18.60 -19.13
N ILE C 288 5.34 -18.33 -18.15
CA ILE C 288 6.04 -19.37 -17.39
C ILE C 288 5.96 -19.11 -15.88
N CYS C 289 5.22 -18.08 -15.45
CA CYS C 289 5.13 -17.71 -14.05
C CYS C 289 3.88 -18.28 -13.41
N GLY C 290 3.94 -18.48 -12.10
CA GLY C 290 2.85 -19.12 -11.39
C GLY C 290 1.62 -18.24 -11.30
N ILE C 291 0.47 -18.89 -11.17
CA ILE C 291 -0.80 -18.19 -11.01
C ILE C 291 -1.03 -17.89 -9.54
N THR C 292 -1.08 -16.60 -9.20
CA THR C 292 -1.33 -16.20 -7.82
C THR C 292 -2.81 -16.34 -7.45
N SER C 293 -3.70 -16.00 -8.39
CA SER C 293 -5.13 -16.01 -8.10
C SER C 293 -5.91 -16.29 -9.38
N VAL C 294 -7.03 -16.99 -9.23
CA VAL C 294 -7.95 -17.29 -10.33
C VAL C 294 -9.32 -16.81 -9.91
N SER C 295 -10.08 -16.29 -10.88
CA SER C 295 -11.46 -15.89 -10.63
C SER C 295 -12.26 -16.06 -11.91
N PHE C 296 -13.56 -16.23 -11.74
CA PHE C 296 -14.50 -16.48 -12.83
C PHE C 296 -15.44 -15.29 -12.99
N SER C 297 -15.81 -15.01 -14.23
CA SER C 297 -16.87 -14.03 -14.47
C SER C 297 -18.22 -14.63 -14.07
N LYS C 298 -19.21 -13.74 -13.96
CA LYS C 298 -20.54 -14.19 -13.54
C LYS C 298 -21.15 -15.15 -14.55
N SER C 299 -21.00 -14.84 -15.84
CA SER C 299 -21.46 -15.76 -16.87
C SER C 299 -20.65 -17.05 -16.89
N GLY C 300 -19.39 -16.98 -16.47
CA GLY C 300 -18.50 -18.13 -16.53
C GLY C 300 -17.74 -18.29 -17.82
N ARG C 301 -17.89 -17.36 -18.77
CA ARG C 301 -17.15 -17.46 -20.03
C ARG C 301 -15.70 -17.06 -19.86
N LEU C 302 -15.43 -16.03 -19.06
CA LEU C 302 -14.10 -15.46 -18.91
C LEU C 302 -13.48 -15.93 -17.60
N LEU C 303 -12.31 -16.54 -17.68
CA LEU C 303 -11.50 -16.92 -16.52
C LEU C 303 -10.35 -15.94 -16.39
N LEU C 304 -10.38 -15.14 -15.34
CA LEU C 304 -9.30 -14.21 -15.04
C LEU C 304 -8.30 -14.89 -14.12
N ALA C 305 -7.02 -14.81 -14.51
CA ALA C 305 -5.92 -15.40 -13.75
C ALA C 305 -4.91 -14.31 -13.44
N GLY C 306 -4.40 -14.31 -12.21
CA GLY C 306 -3.40 -13.37 -11.76
C GLY C 306 -2.06 -14.08 -11.59
N TYR C 307 -1.04 -13.53 -12.25
CA TYR C 307 0.26 -14.18 -12.37
C TYR C 307 1.32 -13.41 -11.57
N ASP C 308 2.42 -14.09 -11.29
CA ASP C 308 3.59 -13.44 -10.72
C ASP C 308 4.35 -12.60 -11.73
N ASP C 309 4.02 -12.69 -13.03
CA ASP C 309 4.66 -11.90 -14.07
C ASP C 309 4.09 -10.48 -14.18
N PHE C 310 3.36 -10.00 -13.18
CA PHE C 310 2.86 -8.63 -13.05
C PHE C 310 1.70 -8.34 -14.00
N ASN C 311 1.12 -9.36 -14.64
CA ASN C 311 0.02 -9.19 -15.58
C ASN C 311 -1.04 -10.24 -15.31
N CYS C 312 -2.31 -9.84 -15.39
CA CYS C 312 -3.44 -10.74 -15.27
C CYS C 312 -4.04 -10.95 -16.66
N ASN C 313 -4.15 -12.21 -17.07
CA ASN C 313 -4.56 -12.57 -18.42
C ASN C 313 -6.00 -13.05 -18.40
N VAL C 314 -6.84 -12.46 -19.25
CA VAL C 314 -8.22 -12.89 -19.40
C VAL C 314 -8.26 -14.05 -20.39
N TRP C 315 -8.71 -15.22 -19.92
CA TRP C 315 -8.85 -16.41 -20.74
C TRP C 315 -10.32 -16.66 -21.06
N ASP C 316 -10.61 -16.96 -22.31
CA ASP C 316 -11.91 -17.53 -22.65
C ASP C 316 -11.94 -18.95 -22.10
N ALA C 317 -12.74 -19.16 -21.04
CA ALA C 317 -12.70 -20.42 -20.31
C ALA C 317 -13.10 -21.61 -21.18
N LEU C 318 -13.93 -21.38 -22.20
CA LEU C 318 -14.45 -22.48 -22.99
C LEU C 318 -13.52 -22.86 -24.16
N LYS C 319 -12.68 -21.94 -24.65
CA LYS C 319 -11.78 -22.20 -25.76
C LYS C 319 -10.30 -22.18 -25.40
N ALA C 320 -9.92 -21.68 -24.23
CA ALA C 320 -8.52 -21.57 -23.83
C ALA C 320 -7.73 -20.67 -24.78
N ASP C 321 -8.38 -19.62 -25.28
CA ASP C 321 -7.74 -18.61 -26.11
C ASP C 321 -7.72 -17.29 -25.35
N ARG C 322 -6.54 -16.69 -25.25
CA ARG C 322 -6.41 -15.43 -24.52
C ARG C 322 -7.17 -14.32 -25.23
N ALA C 323 -7.81 -13.45 -24.43
CA ALA C 323 -8.62 -12.34 -24.93
C ALA C 323 -8.07 -10.97 -24.57
N GLY C 324 -7.24 -10.87 -23.53
CA GLY C 324 -6.71 -9.58 -23.14
C GLY C 324 -5.74 -9.73 -22.00
N VAL C 325 -5.17 -8.60 -21.59
CA VAL C 325 -4.25 -8.52 -20.46
C VAL C 325 -4.66 -7.32 -19.61
N LEU C 326 -4.54 -7.46 -18.30
CA LEU C 326 -4.82 -6.39 -17.33
C LEU C 326 -3.53 -6.12 -16.58
N ALA C 327 -2.69 -5.25 -17.15
CA ALA C 327 -1.34 -4.98 -16.65
C ALA C 327 -1.28 -3.51 -16.23
N GLY C 328 -1.30 -3.28 -14.92
CA GLY C 328 -1.10 -1.95 -14.37
C GLY C 328 -0.39 -1.96 -13.02
N HIS C 329 0.29 -3.05 -12.70
CA HIS C 329 0.89 -3.28 -11.38
C HIS C 329 2.40 -3.44 -11.54
N ASP C 330 3.17 -2.67 -10.76
CA ASP C 330 4.61 -2.83 -10.77
C ASP C 330 5.03 -4.17 -10.21
N ASN C 331 4.41 -4.58 -9.11
CA ASN C 331 4.71 -5.82 -8.41
C ASN C 331 3.65 -6.89 -8.69
N ARG C 332 3.85 -8.07 -8.11
CA ARG C 332 2.98 -9.21 -8.39
C ARG C 332 1.56 -8.95 -7.91
N VAL C 333 0.61 -9.54 -8.63
CA VAL C 333 -0.82 -9.45 -8.29
C VAL C 333 -1.13 -10.59 -7.31
N SER C 334 -1.20 -10.25 -6.03
CA SER C 334 -1.44 -11.27 -5.02
C SER C 334 -2.86 -11.84 -5.12
N CYS C 335 -3.85 -10.98 -5.31
CA CYS C 335 -5.26 -11.35 -5.22
C CYS C 335 -6.02 -10.80 -6.41
N LEU C 336 -7.08 -11.51 -6.78
CA LEU C 336 -8.00 -11.10 -7.82
C LEU C 336 -9.40 -11.47 -7.38
N GLY C 337 -10.36 -10.58 -7.60
CA GLY C 337 -11.74 -10.83 -7.24
C GLY C 337 -12.73 -10.20 -8.19
N VAL C 338 -13.79 -10.95 -8.51
CA VAL C 338 -14.87 -10.49 -9.39
C VAL C 338 -16.07 -10.17 -8.52
N THR C 339 -16.68 -9.03 -8.77
CA THR C 339 -17.77 -8.54 -7.93
C THR C 339 -19.03 -9.39 -8.15
N ASP C 340 -19.88 -9.44 -7.12
CA ASP C 340 -21.03 -10.33 -7.16
C ASP C 340 -22.03 -9.93 -8.24
N ASP C 341 -22.15 -8.62 -8.49
CA ASP C 341 -23.04 -8.12 -9.56
C ASP C 341 -22.32 -8.20 -10.91
N GLY C 342 -21.08 -8.69 -10.94
CA GLY C 342 -20.34 -8.83 -12.17
C GLY C 342 -19.80 -7.53 -12.73
N MET C 343 -20.02 -6.39 -12.06
CA MET C 343 -19.58 -5.11 -12.62
C MET C 343 -18.07 -5.01 -12.75
N ALA C 344 -17.33 -5.36 -11.68
CA ALA C 344 -15.94 -4.95 -11.52
C ALA C 344 -15.03 -6.14 -11.29
N VAL C 345 -13.74 -5.90 -11.51
CA VAL C 345 -12.66 -6.79 -11.11
C VAL C 345 -11.64 -5.97 -10.37
N ALA C 346 -11.39 -6.30 -9.11
CA ALA C 346 -10.44 -5.57 -8.27
C ALA C 346 -9.28 -6.49 -7.95
N THR C 347 -8.08 -6.04 -8.28
CA THR C 347 -6.85 -6.82 -8.11
C THR C 347 -5.91 -6.06 -7.19
N GLY C 348 -5.59 -6.65 -6.06
CA GLY C 348 -4.56 -6.15 -5.18
C GLY C 348 -3.23 -6.75 -5.58
N SER C 349 -2.16 -6.01 -5.33
CA SER C 349 -0.83 -6.38 -5.79
C SER C 349 0.18 -6.00 -4.73
N TRP C 350 1.39 -6.52 -4.88
CA TRP C 350 2.39 -6.32 -3.83
C TRP C 350 2.89 -4.89 -3.78
N ASP C 351 2.63 -4.06 -4.80
CA ASP C 351 3.04 -2.65 -4.76
C ASP C 351 2.10 -1.78 -3.92
N SER C 352 1.14 -2.37 -3.20
CA SER C 352 0.27 -1.70 -2.23
C SER C 352 -0.86 -0.90 -2.86
N PHE C 353 -1.06 -0.97 -4.17
CA PHE C 353 -2.15 -0.27 -4.86
C PHE C 353 -3.13 -1.30 -5.39
N LEU C 354 -4.41 -1.07 -5.10
CA LEU C 354 -5.50 -1.98 -5.46
C LEU C 354 -6.40 -1.23 -6.44
N LYS C 355 -6.75 -1.88 -7.55
CA LYS C 355 -7.34 -1.20 -8.70
C LYS C 355 -8.53 -1.98 -9.22
N ILE C 356 -9.68 -1.32 -9.31
CA ILE C 356 -10.84 -1.89 -9.98
C ILE C 356 -10.57 -1.89 -11.49
N TRP C 357 -11.12 -2.89 -12.17
CA TRP C 357 -11.09 -2.97 -13.65
C TRP C 357 -12.51 -3.27 -14.12
N ASN C 358 -13.28 -2.23 -14.42
CA ASN C 358 -14.62 -2.42 -14.93
C ASN C 358 -14.58 -2.88 -16.38
N LEU D 19 -9.25 -45.84 -1.44
CA LEU D 19 -9.93 -44.95 -2.37
C LEU D 19 -11.12 -45.63 -3.04
N LYS D 20 -11.73 -46.60 -2.36
CA LYS D 20 -12.90 -47.28 -2.91
C LYS D 20 -14.09 -46.34 -3.02
N MET D 21 -14.29 -45.48 -2.03
CA MET D 21 -15.39 -44.52 -2.08
C MET D 21 -15.20 -43.55 -3.24
N GLU D 22 -13.97 -43.09 -3.47
CA GLU D 22 -13.71 -42.22 -4.61
C GLU D 22 -13.99 -42.92 -5.92
N ALA D 23 -13.57 -44.19 -6.04
CA ALA D 23 -13.81 -44.94 -7.27
C ALA D 23 -15.30 -45.19 -7.47
N ASN D 24 -16.03 -45.53 -6.41
CA ASN D 24 -17.46 -45.82 -6.50
C ASN D 24 -18.25 -44.52 -6.46
N ILE D 25 -18.18 -43.80 -7.57
CA ILE D 25 -18.88 -42.53 -7.76
C ILE D 25 -19.49 -42.52 -9.15
N ASP D 26 -20.73 -42.04 -9.24
CA ASP D 26 -21.40 -41.94 -10.54
C ASP D 26 -20.67 -40.94 -11.42
N ARG D 27 -20.58 -41.27 -12.70
CA ARG D 27 -19.90 -40.44 -13.70
C ARG D 27 -20.78 -40.31 -14.92
N ILE D 28 -20.73 -39.13 -15.55
CA ILE D 28 -21.52 -38.82 -16.73
C ILE D 28 -20.57 -38.36 -17.84
N LYS D 29 -21.10 -38.36 -19.06
CA LYS D 29 -20.28 -38.15 -20.24
C LYS D 29 -19.65 -36.76 -20.26
N VAL D 30 -18.41 -36.69 -20.74
CA VAL D 30 -17.73 -35.41 -20.89
C VAL D 30 -18.47 -34.53 -21.87
N SER D 31 -19.08 -35.12 -22.91
CA SER D 31 -19.90 -34.35 -23.83
C SER D 31 -21.07 -33.70 -23.11
N LYS D 32 -21.74 -34.45 -22.23
CA LYS D 32 -22.86 -33.89 -21.48
C LYS D 32 -22.39 -32.79 -20.52
N ALA D 33 -21.26 -33.01 -19.85
CA ALA D 33 -20.79 -32.00 -18.90
C ALA D 33 -20.37 -30.72 -19.61
N ALA D 34 -19.64 -30.84 -20.71
CA ALA D 34 -19.28 -29.67 -21.50
C ALA D 34 -20.51 -29.01 -22.09
N ALA D 35 -21.54 -29.80 -22.43
CA ALA D 35 -22.79 -29.22 -22.92
C ALA D 35 -23.46 -28.39 -21.84
N ASP D 36 -23.47 -28.89 -20.59
CA ASP D 36 -24.05 -28.12 -19.50
C ASP D 36 -23.29 -26.82 -19.27
N LEU D 37 -21.96 -26.89 -19.29
CA LEU D 37 -21.15 -25.69 -19.11
C LEU D 37 -21.40 -24.69 -20.24
N MET D 38 -21.45 -25.18 -21.48
CA MET D 38 -21.70 -24.31 -22.63
C MET D 38 -23.08 -23.70 -22.56
N ALA D 39 -24.07 -24.48 -22.12
CA ALA D 39 -25.44 -23.96 -22.01
C ALA D 39 -25.52 -22.86 -20.98
N TYR D 40 -24.86 -23.03 -19.83
CA TYR D 40 -24.84 -21.98 -18.82
C TYR D 40 -24.16 -20.72 -19.35
N CYS D 41 -23.01 -20.89 -19.99
CA CYS D 41 -22.28 -19.72 -20.50
C CYS D 41 -23.08 -18.99 -21.58
N GLU D 42 -23.75 -19.74 -22.45
CA GLU D 42 -24.55 -19.11 -23.51
C GLU D 42 -25.78 -18.43 -22.93
N ALA D 43 -26.45 -19.05 -21.97
CA ALA D 43 -27.67 -18.48 -21.43
C ALA D 43 -27.39 -17.21 -20.64
N HIS D 44 -26.39 -17.24 -19.76
CA HIS D 44 -26.13 -16.13 -18.86
C HIS D 44 -25.14 -15.10 -19.44
N ALA D 45 -24.86 -15.16 -20.74
CA ALA D 45 -23.90 -14.24 -21.33
C ALA D 45 -24.40 -12.81 -21.29
N LYS D 46 -25.69 -12.60 -21.55
CA LYS D 46 -26.22 -11.24 -21.62
C LYS D 46 -26.17 -10.53 -20.27
N GLU D 47 -26.25 -11.28 -19.18
CA GLU D 47 -26.35 -10.66 -17.86
C GLU D 47 -25.01 -10.11 -17.37
N ASP D 48 -23.91 -10.73 -17.73
CA ASP D 48 -22.63 -10.34 -17.14
C ASP D 48 -22.16 -9.02 -17.75
N PRO D 49 -21.72 -8.04 -16.95
CA PRO D 49 -21.20 -6.79 -17.56
C PRO D 49 -19.91 -6.95 -18.35
N LEU D 50 -19.01 -7.87 -18.02
CA LEU D 50 -17.69 -7.85 -18.65
C LEU D 50 -17.73 -8.28 -20.12
N LEU D 51 -18.44 -9.36 -20.43
CA LEU D 51 -18.35 -9.96 -21.75
C LEU D 51 -18.87 -9.01 -22.82
N THR D 52 -20.00 -8.36 -22.57
CA THR D 52 -20.53 -7.27 -23.38
C THR D 52 -20.38 -5.98 -22.61
N PRO D 53 -19.49 -5.04 -23.00
CA PRO D 53 -19.34 -3.81 -22.22
C PRO D 53 -20.64 -3.03 -22.04
N VAL D 54 -20.90 -2.64 -20.79
CA VAL D 54 -22.14 -1.98 -20.41
C VAL D 54 -22.15 -0.56 -20.97
N PRO D 55 -23.30 0.09 -21.11
CA PRO D 55 -23.27 1.53 -21.46
C PRO D 55 -22.62 2.33 -20.35
N ALA D 56 -22.00 3.45 -20.74
CA ALA D 56 -21.21 4.24 -19.80
C ALA D 56 -22.09 4.81 -18.69
N SER D 57 -23.32 5.20 -19.01
CA SER D 57 -24.20 5.76 -17.99
C SER D 57 -24.63 4.70 -16.98
N GLU D 58 -24.82 3.46 -17.42
CA GLU D 58 -25.31 2.42 -16.53
C GLU D 58 -24.26 1.98 -15.53
N ASN D 59 -22.98 2.11 -15.86
CA ASN D 59 -21.91 1.62 -15.00
C ASN D 59 -21.87 2.44 -13.71
N PRO D 60 -21.84 1.82 -12.52
CA PRO D 60 -21.66 2.63 -11.30
C PRO D 60 -20.26 3.19 -11.16
N PHE D 61 -19.26 2.51 -11.69
CA PHE D 61 -17.87 2.97 -11.60
C PHE D 61 -17.56 4.00 -12.67
N VAL E 2 -23.02 3.35 27.10
CA VAL E 2 -23.31 4.48 26.22
C VAL E 2 -24.24 5.45 26.94
N GLN E 3 -23.69 6.58 27.38
CA GLN E 3 -24.45 7.62 28.04
C GLN E 3 -23.98 8.98 27.55
N LEU E 4 -24.86 9.97 27.69
CA LEU E 4 -24.55 11.37 27.37
C LEU E 4 -25.24 12.22 28.43
N VAL E 5 -24.52 12.51 29.49
CA VAL E 5 -25.02 13.36 30.58
C VAL E 5 -24.69 14.80 30.24
N GLU E 6 -25.50 15.72 30.77
CA GLU E 6 -25.35 17.15 30.52
C GLU E 6 -25.44 17.92 31.83
N SER E 7 -24.89 19.13 31.80
CA SER E 7 -24.88 20.00 32.96
C SER E 7 -25.03 21.45 32.51
N GLY E 8 -25.49 22.29 33.42
CA GLY E 8 -25.72 23.69 33.18
C GLY E 8 -27.18 24.00 32.89
N GLY E 9 -27.61 25.18 33.29
CA GLY E 9 -28.98 25.60 33.11
C GLY E 9 -29.36 26.63 34.17
N GLY E 10 -30.64 26.64 34.50
CA GLY E 10 -31.16 27.55 35.50
C GLY E 10 -31.50 28.92 34.92
N LEU E 11 -31.97 29.80 35.79
CA LEU E 11 -32.35 31.15 35.37
C LEU E 11 -31.12 31.93 34.96
N VAL E 12 -31.22 32.64 33.83
CA VAL E 12 -30.16 33.48 33.31
C VAL E 12 -30.77 34.79 32.84
N GLN E 13 -30.18 35.91 33.27
CA GLN E 13 -30.70 37.19 32.83
C GLN E 13 -30.42 37.38 31.34
N PRO E 14 -31.22 38.21 30.65
CA PRO E 14 -30.99 38.40 29.22
C PRO E 14 -29.67 39.11 28.96
N GLY E 15 -29.04 38.75 27.84
CA GLY E 15 -27.75 39.32 27.48
C GLY E 15 -26.57 38.79 28.26
N GLY E 16 -26.75 37.76 29.08
CA GLY E 16 -25.69 37.18 29.87
C GLY E 16 -24.92 36.12 29.13
N SER E 17 -24.40 35.15 29.88
CA SER E 17 -23.65 34.04 29.30
C SER E 17 -23.83 32.81 30.17
N ARG E 18 -23.73 31.65 29.55
CA ARG E 18 -23.88 30.37 30.23
C ARG E 18 -23.20 29.31 29.37
N LYS E 19 -22.41 28.45 30.02
CA LYS E 19 -21.70 27.36 29.38
C LYS E 19 -22.40 26.05 29.69
N LEU E 20 -22.79 25.33 28.64
CA LEU E 20 -23.44 24.03 28.75
C LEU E 20 -22.45 22.95 28.29
N SER E 21 -22.31 21.90 29.11
CA SER E 21 -21.33 20.84 28.89
C SER E 21 -22.02 19.50 28.76
N CYS E 22 -21.49 18.66 27.86
CA CYS E 22 -22.00 17.33 27.58
C CYS E 22 -20.86 16.33 27.74
N SER E 23 -20.87 15.58 28.85
CA SER E 23 -19.83 14.62 29.16
C SER E 23 -20.26 13.25 28.65
N ALA E 24 -19.61 12.77 27.59
CA ALA E 24 -19.87 11.45 27.04
C ALA E 24 -19.04 10.41 27.80
N SER E 25 -19.62 9.23 27.99
CA SER E 25 -18.94 8.17 28.72
C SER E 25 -19.53 6.84 28.30
N GLY E 26 -18.79 6.08 27.48
CA GLY E 26 -19.18 4.74 27.11
C GLY E 26 -18.96 4.38 25.65
N PHE E 27 -18.37 5.28 24.86
CA PHE E 27 -18.12 4.99 23.44
C PHE E 27 -16.95 5.82 22.96
N ALA E 28 -16.48 5.50 21.76
CA ALA E 28 -15.34 6.17 21.16
C ALA E 28 -15.72 7.59 20.76
N PHE E 29 -15.50 8.55 21.66
CA PHE E 29 -15.99 9.90 21.45
C PHE E 29 -15.33 10.59 20.27
N SER E 30 -14.09 10.21 19.94
CA SER E 30 -13.36 10.91 18.89
C SER E 30 -13.88 10.59 17.49
N SER E 31 -14.53 9.44 17.30
CA SER E 31 -15.01 9.03 16.00
C SER E 31 -16.39 9.57 15.64
N PHE E 32 -17.12 10.13 16.60
CA PHE E 32 -18.52 10.53 16.43
C PHE E 32 -18.61 12.04 16.29
N GLY E 33 -19.19 12.50 15.18
CA GLY E 33 -19.51 13.89 15.04
C GLY E 33 -20.73 14.26 15.85
N MET E 34 -20.60 15.22 16.75
CA MET E 34 -21.65 15.56 17.69
C MET E 34 -22.46 16.74 17.17
N HIS E 35 -23.70 16.84 17.63
CA HIS E 35 -24.61 17.95 17.30
C HIS E 35 -25.07 18.65 18.56
N VAL E 37 -28.92 20.22 19.17
CA VAL E 37 -30.36 20.30 18.96
C VAL E 37 -31.00 20.79 20.26
N ARG E 38 -32.09 21.56 20.15
CA ARG E 38 -32.84 22.05 21.29
C ARG E 38 -34.32 21.84 21.04
N GLN E 39 -35.12 22.09 22.07
CA GLN E 39 -36.57 21.99 22.00
C GLN E 39 -37.18 23.09 22.84
N ALA E 40 -38.06 23.89 22.22
CA ALA E 40 -38.75 24.92 22.94
C ALA E 40 -39.76 24.29 23.91
N PRO E 41 -40.27 25.05 24.89
CA PRO E 41 -41.26 24.47 25.81
C PRO E 41 -42.52 23.97 25.14
N GLU E 42 -42.97 24.61 24.06
CA GLU E 42 -44.22 24.28 23.38
C GLU E 42 -44.03 24.31 21.87
N LYS E 43 -42.96 23.70 21.39
CA LYS E 43 -42.69 23.62 19.95
C LYS E 43 -41.84 22.40 19.66
N GLY E 44 -41.52 22.20 18.39
CA GLY E 44 -40.75 21.06 17.96
C GLY E 44 -39.25 21.27 18.10
N LEU E 45 -38.51 20.25 17.69
CA LEU E 45 -37.06 20.32 17.75
C LEU E 45 -36.53 21.33 16.76
N GLU E 46 -35.45 22.03 17.14
CA GLU E 46 -34.80 23.04 16.31
C GLU E 46 -33.30 22.83 16.39
N TRP E 47 -32.68 22.58 15.24
CA TRP E 47 -31.24 22.36 15.18
C TRP E 47 -30.50 23.61 15.61
N VAL E 48 -29.30 23.41 16.17
CA VAL E 48 -28.48 24.52 16.67
C VAL E 48 -27.13 24.55 15.97
N ALA E 49 -26.34 23.47 16.08
CA ALA E 49 -24.94 23.53 15.70
C ALA E 49 -24.44 22.12 15.40
N TYR E 50 -23.13 21.98 15.22
CA TYR E 50 -22.53 20.71 14.86
C TYR E 50 -21.02 20.85 14.92
N ILE E 51 -20.33 19.79 15.35
CA ILE E 51 -18.88 19.74 15.44
C ILE E 51 -18.44 18.38 14.93
N SER E 52 -17.50 18.37 13.98
CA SER E 52 -17.15 17.15 13.27
C SER E 52 -16.18 16.30 14.10
N SER E 53 -15.63 15.26 13.48
CA SER E 53 -14.62 14.43 14.12
C SER E 53 -13.27 15.12 14.03
N GLY E 54 -12.60 15.27 15.16
CA GLY E 54 -11.40 16.07 15.20
C GLY E 54 -11.62 17.56 15.11
N SER E 55 -12.88 18.01 15.22
CA SER E 55 -13.21 19.44 15.18
C SER E 55 -12.78 20.11 13.88
N GLY E 56 -12.75 19.34 12.79
CA GLY E 56 -12.35 19.87 11.50
C GLY E 56 -13.43 20.58 10.71
N THR E 57 -14.66 20.64 11.23
CA THR E 57 -15.76 21.26 10.51
C THR E 57 -16.85 21.63 11.51
N ILE E 58 -17.38 22.84 11.38
CA ILE E 58 -18.41 23.36 12.28
C ILE E 58 -19.47 24.04 11.42
N TYR E 59 -20.73 23.83 11.79
CA TYR E 59 -21.87 24.52 11.18
C TYR E 59 -22.77 25.01 12.30
N TYR E 60 -23.50 26.09 12.03
CA TYR E 60 -24.44 26.66 13.00
C TYR E 60 -25.76 26.98 12.31
N ALA E 61 -26.81 26.96 13.10
CA ALA E 61 -28.09 27.50 12.62
C ALA E 61 -27.95 29.01 12.45
N ASP E 62 -28.61 29.54 11.42
CA ASP E 62 -28.51 30.97 11.14
C ASP E 62 -29.03 31.82 12.30
N THR E 63 -29.97 31.30 13.08
CA THR E 63 -30.51 32.06 14.20
C THR E 63 -29.56 32.11 15.39
N VAL E 64 -28.49 31.32 15.40
CA VAL E 64 -27.49 31.33 16.48
C VAL E 64 -26.08 31.49 15.94
N LYS E 65 -25.95 32.12 14.77
CA LYS E 65 -24.64 32.32 14.17
C LYS E 65 -23.96 33.54 14.77
N GLY E 66 -22.66 33.42 15.03
CA GLY E 66 -21.86 34.53 15.48
C GLY E 66 -21.77 34.73 16.98
N ARG E 67 -22.54 33.98 17.78
CA ARG E 67 -22.53 34.09 19.22
C ARG E 67 -22.54 32.75 19.95
N PHE E 68 -22.70 31.64 19.25
CA PHE E 68 -22.61 30.29 19.81
C PHE E 68 -21.29 29.67 19.37
N THR E 69 -20.62 29.01 20.31
CA THR E 69 -19.34 28.35 20.05
C THR E 69 -19.35 26.96 20.68
N ILE E 70 -18.69 26.02 20.00
CA ILE E 70 -18.57 24.64 20.44
C ILE E 70 -17.11 24.24 20.38
N SER E 71 -16.64 23.59 21.44
CA SER E 71 -15.33 22.96 21.47
C SER E 71 -15.47 21.63 22.20
N ARG E 72 -14.64 20.65 21.81
CA ARG E 72 -14.70 19.29 22.39
C ARG E 72 -13.34 18.88 22.93
N ASP E 73 -13.27 18.47 24.20
CA ASP E 73 -12.05 17.99 24.87
C ASP E 73 -12.04 16.47 24.72
N ASP E 74 -11.39 16.00 23.64
CA ASP E 74 -11.38 14.56 23.36
C ASP E 74 -10.73 13.74 24.46
N PRO E 75 -9.57 14.10 25.02
CA PRO E 75 -9.06 13.35 26.18
C PRO E 75 -10.02 13.34 27.37
N LYS E 76 -10.74 14.43 27.60
CA LYS E 76 -11.71 14.48 28.68
C LYS E 76 -13.04 13.82 28.34
N ASN E 77 -13.29 13.51 27.05
CA ASN E 77 -14.57 12.95 26.59
C ASN E 77 -15.72 13.86 27.00
N THR E 78 -15.67 15.08 26.45
CA THR E 78 -16.67 16.10 26.78
C THR E 78 -16.66 17.15 25.68
N LEU E 79 -17.84 17.69 25.37
CA LEU E 79 -17.97 18.86 24.52
C LEU E 79 -18.94 19.86 25.15
N PHE E 80 -18.68 21.13 24.85
CA PHE E 80 -19.34 22.26 25.49
C PHE E 80 -20.10 23.09 24.46
N LEU E 81 -20.93 24.00 24.97
CA LEU E 81 -21.60 25.01 24.15
C LEU E 81 -21.49 26.33 24.91
N GLN E 82 -20.75 27.28 24.34
CA GLN E 82 -20.58 28.60 24.92
C GLN E 82 -21.55 29.56 24.25
N MET E 83 -22.45 30.14 25.03
CA MET E 83 -23.48 31.06 24.56
C MET E 83 -23.21 32.45 25.11
N THR E 84 -23.30 33.46 24.25
CA THR E 84 -23.14 34.86 24.61
C THR E 84 -24.30 35.66 24.05
N SER E 85 -24.67 36.72 24.76
CA SER E 85 -25.79 37.59 24.39
C SER E 85 -27.09 36.79 24.25
N LEU E 86 -27.52 36.21 25.37
CA LEU E 86 -28.77 35.47 25.39
C LEU E 86 -29.96 36.42 25.32
N ARG E 87 -31.08 35.88 24.85
CA ARG E 87 -32.34 36.61 24.68
C ARG E 87 -33.50 35.74 25.14
N SER E 88 -34.69 36.36 25.13
CA SER E 88 -35.88 35.69 25.63
C SER E 88 -36.26 34.46 24.81
N GLU E 89 -35.90 34.43 23.52
CA GLU E 89 -36.30 33.37 22.62
C GLU E 89 -35.34 32.17 22.61
N ASP E 90 -34.28 32.19 23.42
CA ASP E 90 -33.33 31.10 23.51
C ASP E 90 -33.68 30.10 24.61
N THR E 91 -34.77 30.30 25.34
CA THR E 91 -35.20 29.30 26.31
C THR E 91 -35.59 28.02 25.59
N ALA E 92 -35.02 26.91 26.01
CA ALA E 92 -35.25 25.61 25.38
C ALA E 92 -34.61 24.55 26.26
N MET E 93 -34.69 23.30 25.79
CA MET E 93 -34.04 22.16 26.42
C MET E 93 -33.07 21.58 25.40
N TYR E 94 -31.78 21.66 25.70
CA TYR E 94 -30.74 21.33 24.72
C TYR E 94 -30.38 19.86 24.80
N TYR E 95 -30.39 19.19 23.64
CA TYR E 95 -30.11 17.77 23.51
C TYR E 95 -28.77 17.56 22.84
N CYS E 96 -27.95 16.72 23.46
CA CYS E 96 -26.63 16.36 22.95
C CYS E 96 -26.75 15.09 22.13
N VAL E 97 -26.49 15.18 20.83
CA VAL E 97 -26.77 14.12 19.88
C VAL E 97 -25.48 13.73 19.18
N ARG E 98 -25.24 12.43 19.08
CA ARG E 98 -24.09 11.88 18.38
C ARG E 98 -24.45 11.56 16.95
N SER E 99 -23.42 11.33 16.14
CA SER E 99 -23.61 10.95 14.75
C SER E 99 -22.28 10.51 14.15
N ILE E 100 -22.29 9.39 13.44
CA ILE E 100 -21.10 8.85 12.78
C ILE E 100 -21.44 8.64 11.32
N TYR E 101 -20.60 9.16 10.43
CA TYR E 101 -20.91 9.27 9.00
C TYR E 101 -19.96 8.38 8.21
N TYR E 102 -20.47 7.26 7.72
CA TYR E 102 -19.78 6.44 6.74
C TYR E 102 -20.85 5.67 5.95
N TYR E 103 -20.39 4.83 5.03
CA TYR E 103 -21.34 4.08 4.20
C TYR E 103 -22.08 3.07 5.06
N GLY E 104 -23.41 3.22 5.15
CA GLY E 104 -24.23 2.35 5.95
C GLY E 104 -24.34 2.72 7.42
N SER E 105 -23.93 3.92 7.80
CA SER E 105 -24.03 4.34 9.19
C SER E 105 -25.42 4.82 9.52
N SER E 106 -25.67 5.04 10.81
CA SER E 106 -26.97 5.44 11.34
C SER E 106 -26.77 6.65 12.26
N PRO E 107 -26.61 7.84 11.70
CA PRO E 107 -26.39 9.01 12.55
C PRO E 107 -27.63 9.38 13.36
N PHE E 108 -27.42 10.22 14.37
CA PHE E 108 -28.45 10.60 15.33
C PHE E 108 -29.01 9.40 16.09
N ASP E 109 -28.18 8.36 16.26
CA ASP E 109 -28.71 7.12 16.85
C ASP E 109 -28.99 7.28 18.33
N PHE E 110 -28.15 8.01 19.07
CA PHE E 110 -28.30 8.18 20.50
C PHE E 110 -28.34 9.66 20.84
N TRP E 111 -29.19 10.01 21.80
CA TRP E 111 -29.45 11.38 22.21
C TRP E 111 -29.19 11.54 23.70
N GLY E 112 -28.90 12.77 24.10
CA GLY E 112 -28.64 13.06 25.49
C GLY E 112 -29.91 13.17 26.31
N GLN E 113 -29.72 13.26 27.63
CA GLN E 113 -30.85 13.35 28.54
C GLN E 113 -31.61 14.66 28.36
N GLY E 114 -30.89 15.77 28.22
CA GLY E 114 -31.49 17.09 28.10
C GLY E 114 -31.43 17.89 29.38
N THR E 115 -31.20 19.19 29.27
CA THR E 115 -31.17 20.11 30.39
C THR E 115 -32.02 21.33 30.07
N THR E 116 -32.90 21.69 30.99
CA THR E 116 -33.76 22.85 30.80
C THR E 116 -32.95 24.13 31.03
N LEU E 117 -33.07 25.06 30.10
CA LEU E 117 -32.46 26.39 30.19
C LEU E 117 -33.57 27.41 30.02
N THR E 118 -33.72 28.30 31.00
CA THR E 118 -34.74 29.33 31.01
C THR E 118 -34.11 30.68 31.27
N VAL E 119 -34.77 31.73 30.78
CA VAL E 119 -34.25 33.09 30.85
C VAL E 119 -35.35 34.03 31.37
N ASP E 137 -33.23 27.21 2.48
CA ASP E 137 -33.60 26.26 3.53
C ASP E 137 -34.71 25.34 3.06
N ILE E 138 -34.73 24.12 3.60
CA ILE E 138 -35.75 23.13 3.29
C ILE E 138 -36.82 23.23 4.36
N VAL E 139 -38.06 23.51 3.95
CA VAL E 139 -39.19 23.65 4.86
C VAL E 139 -39.88 22.30 4.94
N MET E 140 -39.89 21.71 6.14
CA MET E 140 -40.40 20.36 6.36
C MET E 140 -41.75 20.46 7.05
N THR E 141 -42.78 19.89 6.42
CA THR E 141 -44.16 20.07 6.83
C THR E 141 -44.74 18.76 7.38
N GLN E 142 -45.42 18.85 8.51
CA GLN E 142 -46.15 17.74 9.10
C GLN E 142 -47.58 18.18 9.37
N ALA E 143 -48.54 17.27 9.17
CA ALA E 143 -49.94 17.62 9.39
C ALA E 143 -50.20 17.98 10.85
N THR E 144 -49.37 17.46 11.75
CA THR E 144 -49.42 17.85 13.19
C THR E 144 -50.75 17.39 13.79
N SER E 145 -51.60 16.75 12.99
CA SER E 145 -52.87 16.18 13.51
C SER E 145 -52.72 14.67 13.33
N SER E 146 -52.96 13.91 14.40
CA SER E 146 -52.84 12.43 14.38
C SER E 146 -54.11 11.88 15.01
N VAL E 147 -54.77 10.95 14.34
CA VAL E 147 -55.99 10.36 14.87
C VAL E 147 -55.66 9.77 16.25
N PRO E 148 -56.64 9.60 17.14
CA PRO E 148 -56.31 9.02 18.46
C PRO E 148 -55.82 7.58 18.34
N VAL E 149 -54.93 7.20 19.25
CA VAL E 149 -54.28 5.90 19.17
C VAL E 149 -55.30 4.79 19.42
N THR E 150 -55.29 3.80 18.53
CA THR E 150 -56.10 2.60 18.62
C THR E 150 -55.18 1.38 18.58
N PRO E 151 -55.11 0.54 19.63
CA PRO E 151 -54.21 -0.62 19.56
C PRO E 151 -54.65 -1.60 18.49
N GLY E 152 -53.65 -2.16 17.78
CA GLY E 152 -53.89 -3.13 16.75
C GLY E 152 -54.28 -2.56 15.40
N GLU E 153 -54.43 -1.25 15.28
CA GLU E 153 -54.84 -0.59 14.05
C GLU E 153 -53.67 0.14 13.43
N SER E 154 -53.49 -0.03 12.13
CA SER E 154 -52.37 0.61 11.43
C SER E 154 -52.55 2.13 11.44
N VAL E 155 -51.42 2.83 11.59
CA VAL E 155 -51.38 4.29 11.58
C VAL E 155 -50.30 4.73 10.59
N SER E 156 -50.64 5.72 9.77
CA SER E 156 -49.75 6.29 8.77
C SER E 156 -49.55 7.77 9.06
N ILE E 157 -48.29 8.19 9.11
CA ILE E 157 -47.90 9.58 9.34
C ILE E 157 -47.07 10.02 8.14
N SER E 158 -47.47 11.14 7.52
CA SER E 158 -46.86 11.64 6.30
C SER E 158 -46.27 13.02 6.55
N CYS E 159 -45.04 13.21 6.08
CA CYS E 159 -44.32 14.47 6.19
C CYS E 159 -43.85 14.87 4.80
N ARG E 160 -44.16 16.10 4.39
CA ARG E 160 -43.76 16.61 3.09
C ARG E 160 -42.43 17.35 3.17
N SER E 161 -41.88 17.68 2.01
CA SER E 161 -40.65 18.44 1.89
C SER E 161 -40.79 19.50 0.81
N SER E 162 -40.08 20.61 0.99
CA SER E 162 -40.15 21.69 0.01
C SER E 162 -39.49 21.28 -1.31
N LYS E 163 -38.28 20.73 -1.24
CA LYS E 163 -37.54 20.24 -2.39
C LYS E 163 -37.25 18.76 -2.23
N SER E 164 -36.89 18.12 -3.33
CA SER E 164 -36.62 16.69 -3.32
C SER E 164 -35.40 16.38 -2.48
N LEU E 165 -35.55 15.43 -1.56
CA LEU E 165 -34.47 14.99 -0.66
C LEU E 165 -33.67 13.82 -1.20
N LEU E 166 -33.99 13.32 -2.40
CA LEU E 166 -33.28 12.18 -2.99
C LEU E 166 -32.08 12.71 -3.77
N HIS E 167 -30.89 12.50 -3.23
CA HIS E 167 -29.68 12.95 -3.87
C HIS E 167 -29.36 12.07 -5.07
N SER E 168 -28.50 12.58 -5.96
CA SER E 168 -28.17 11.86 -7.19
C SER E 168 -27.52 10.51 -6.92
N ASN E 169 -26.78 10.37 -5.81
CA ASN E 169 -26.11 9.11 -5.52
C ASN E 169 -27.08 7.97 -5.24
N GLY E 170 -28.34 8.28 -4.91
CA GLY E 170 -29.38 7.28 -4.71
C GLY E 170 -29.90 7.21 -3.29
N ASN E 171 -29.12 7.67 -2.31
CA ASN E 171 -29.62 7.75 -0.95
C ASN E 171 -30.63 8.89 -0.84
N THR E 172 -31.76 8.61 -0.19
CA THR E 172 -32.71 9.63 0.20
C THR E 172 -32.49 9.95 1.67
N TYR E 173 -32.39 11.24 1.98
CA TYR E 173 -31.95 11.71 3.30
C TYR E 173 -33.17 12.18 4.09
N LEU E 174 -33.84 11.22 4.71
CA LEU E 174 -34.91 11.48 5.67
C LEU E 174 -34.64 10.62 6.89
N TYR E 175 -35.00 11.16 8.06
CA TYR E 175 -34.89 10.45 9.31
C TYR E 175 -36.17 10.66 10.09
N TRP E 176 -36.65 9.60 10.73
CA TRP E 176 -37.84 9.64 11.58
C TRP E 176 -37.43 9.43 13.03
N PHE E 177 -37.87 10.34 13.90
CA PHE E 177 -37.56 10.31 15.32
C PHE E 177 -38.85 10.24 16.13
N LEU E 178 -38.86 9.42 17.17
CA LEU E 178 -39.98 9.28 18.08
C LEU E 178 -39.58 9.76 19.47
N GLN E 179 -40.39 10.65 20.03
CA GLN E 179 -40.21 11.17 21.39
C GLN E 179 -41.36 10.66 22.25
N ARG E 180 -41.08 9.71 23.13
CA ARG E 180 -42.06 9.34 24.13
C ARG E 180 -42.25 10.52 25.10
N PRO E 181 -43.40 10.65 25.74
CA PRO E 181 -43.53 11.67 26.80
C PRO E 181 -42.52 11.44 27.91
N GLY E 182 -41.72 12.48 28.18
CA GLY E 182 -40.73 12.42 29.24
C GLY E 182 -39.45 11.71 28.89
N GLN E 183 -39.15 11.50 27.62
CA GLN E 183 -37.93 10.82 27.18
C GLN E 183 -37.40 11.57 25.96
N SER E 184 -36.07 11.60 25.85
CA SER E 184 -35.44 12.21 24.69
C SER E 184 -35.77 11.41 23.44
N PRO E 185 -35.82 12.04 22.26
CA PRO E 185 -36.25 11.32 21.07
C PRO E 185 -35.27 10.25 20.64
N GLN E 186 -35.80 9.24 19.96
CA GLN E 186 -35.06 8.06 19.55
C GLN E 186 -35.20 7.88 18.05
N LEU E 187 -34.12 7.50 17.39
CA LEU E 187 -34.16 7.25 15.97
C LEU E 187 -34.97 5.99 15.68
N LEU E 188 -35.90 6.08 14.73
CA LEU E 188 -36.67 4.95 14.25
C LEU E 188 -36.19 4.45 12.89
N ILE E 189 -36.07 5.35 11.93
CA ILE E 189 -35.69 5.04 10.56
C ILE E 189 -34.64 6.06 10.13
N TYR E 190 -33.61 5.59 9.42
CA TYR E 190 -32.63 6.45 8.80
C TYR E 190 -32.66 6.23 7.29
N ARG E 191 -32.77 7.32 6.54
CA ARG E 191 -32.86 7.38 5.08
C ARG E 191 -34.17 6.81 4.54
N MET E 192 -35.25 6.84 5.33
CA MET E 192 -36.65 6.59 4.99
C MET E 192 -36.98 5.11 4.75
N SER E 193 -36.00 4.22 4.67
CA SER E 193 -36.24 2.81 4.34
C SER E 193 -35.47 1.84 5.21
N ASN E 194 -34.47 2.29 5.95
CA ASN E 194 -33.63 1.44 6.78
C ASN E 194 -34.05 1.58 8.23
N LEU E 195 -34.28 0.45 8.88
CA LEU E 195 -34.76 0.46 10.25
C LEU E 195 -33.61 0.66 11.23
N ALA E 196 -33.88 1.41 12.30
CA ALA E 196 -32.89 1.65 13.32
C ALA E 196 -32.69 0.39 14.18
N SER E 197 -31.52 0.30 14.80
CA SER E 197 -31.16 -0.86 15.59
C SER E 197 -31.89 -0.85 16.93
N GLY E 198 -32.33 -2.02 17.36
CA GLY E 198 -32.98 -2.18 18.65
C GLY E 198 -34.45 -1.80 18.69
N VAL E 199 -35.04 -1.39 17.56
CA VAL E 199 -36.44 -0.98 17.49
C VAL E 199 -37.22 -2.17 16.94
N PRO E 200 -38.48 -2.41 17.31
CA PRO E 200 -39.21 -3.53 16.74
C PRO E 200 -39.44 -3.37 15.25
N ASP E 201 -39.59 -4.51 14.56
CA ASP E 201 -39.69 -4.53 13.10
C ASP E 201 -41.01 -3.96 12.58
N ARG E 202 -41.98 -3.67 13.44
CA ARG E 202 -43.28 -3.22 12.97
C ARG E 202 -43.19 -1.88 12.24
N PHE E 203 -42.27 -1.01 12.65
CA PHE E 203 -42.12 0.27 11.97
C PHE E 203 -41.63 0.06 10.54
N SER E 204 -42.19 0.83 9.61
CA SER E 204 -41.83 0.71 8.21
C SER E 204 -42.04 2.06 7.52
N GLY E 205 -41.03 2.50 6.79
CA GLY E 205 -41.07 3.77 6.09
C GLY E 205 -40.90 3.56 4.60
N SER E 206 -41.57 4.40 3.81
CA SER E 206 -41.52 4.29 2.37
C SER E 206 -42.06 5.58 1.77
N GLY E 207 -41.82 5.75 0.48
CA GLY E 207 -42.35 6.88 -0.27
C GLY E 207 -41.41 7.26 -1.40
N SER E 208 -41.97 8.00 -2.35
CA SER E 208 -41.23 8.53 -3.47
C SER E 208 -40.79 9.96 -3.15
N GLY E 209 -40.20 10.63 -4.14
CA GLY E 209 -39.72 11.98 -3.96
C GLY E 209 -40.80 12.97 -3.54
N THR E 210 -40.53 13.74 -2.50
CA THR E 210 -41.41 14.80 -2.00
C THR E 210 -42.76 14.27 -1.50
N ALA E 211 -42.86 12.97 -1.20
CA ALA E 211 -44.09 12.40 -0.62
C ALA E 211 -43.65 11.25 0.27
N PHE E 212 -43.33 11.59 1.52
CA PHE E 212 -42.67 10.67 2.45
C PHE E 212 -43.67 10.25 3.53
N THR E 213 -43.72 8.95 3.81
CA THR E 213 -44.69 8.38 4.74
C THR E 213 -43.98 7.41 5.67
N LEU E 214 -44.57 7.25 6.86
CA LEU E 214 -44.15 6.25 7.84
C LEU E 214 -45.37 5.42 8.19
N THR E 215 -45.28 4.10 7.97
CA THR E 215 -46.39 3.18 8.18
C THR E 215 -46.06 2.26 9.36
N ILE E 216 -47.04 2.08 10.24
CA ILE E 216 -46.94 1.22 11.42
C ILE E 216 -48.05 0.19 11.36
N SER E 217 -47.71 -1.06 11.68
CA SER E 217 -48.65 -2.16 11.74
C SER E 217 -48.61 -2.79 13.13
N ARG E 218 -49.77 -3.24 13.61
CA ARG E 218 -49.89 -3.83 14.94
C ARG E 218 -49.48 -2.83 16.03
N LEU E 219 -50.12 -1.66 15.99
CA LEU E 219 -49.85 -0.63 16.99
C LEU E 219 -50.23 -1.13 18.38
N GLU E 220 -49.40 -0.81 19.37
CA GLU E 220 -49.62 -1.23 20.74
C GLU E 220 -48.99 -0.19 21.66
N ALA E 221 -49.02 -0.47 22.96
CA ALA E 221 -48.60 0.50 23.96
C ALA E 221 -47.08 0.74 23.86
N GLU E 222 -46.60 1.71 24.64
CA GLU E 222 -45.20 2.13 24.60
C GLU E 222 -44.79 2.62 23.21
N ASP E 223 -45.71 3.29 22.53
CA ASP E 223 -45.44 3.82 21.16
C ASP E 223 -46.08 5.19 21.01
N VAL E 224 -46.93 5.61 21.97
CA VAL E 224 -47.62 6.89 21.82
C VAL E 224 -46.66 8.02 22.08
N GLY E 225 -46.43 8.84 21.07
CA GLY E 225 -45.48 9.94 21.19
C GLY E 225 -45.51 10.80 19.94
N VAL E 226 -44.57 11.74 19.89
CA VAL E 226 -44.49 12.73 18.82
C VAL E 226 -43.50 12.24 17.78
N TYR E 227 -43.92 12.22 16.52
CA TYR E 227 -43.12 11.72 15.42
C TYR E 227 -42.54 12.91 14.66
N TYR E 228 -41.21 13.02 14.66
CA TYR E 228 -40.50 14.12 14.02
C TYR E 228 -39.84 13.62 12.74
N CYS E 229 -40.05 14.35 11.65
CA CYS E 229 -39.43 14.08 10.37
C CYS E 229 -38.30 15.09 10.16
N MET E 230 -37.10 14.58 9.91
CA MET E 230 -35.89 15.37 9.74
C MET E 230 -35.33 15.14 8.35
N GLN E 231 -34.73 16.18 7.79
CA GLN E 231 -33.99 16.09 6.54
C GLN E 231 -32.50 16.16 6.84
N HIS E 232 -31.70 15.62 5.91
CA HIS E 232 -30.25 15.70 6.02
C HIS E 232 -29.57 15.93 4.67
N LEU E 233 -30.30 16.41 3.66
CA LEU E 233 -29.69 16.64 2.36
C LEU E 233 -28.61 17.72 2.45
N GLU E 234 -28.87 18.79 3.19
CA GLU E 234 -27.92 19.88 3.34
C GLU E 234 -28.26 20.66 4.59
N TYR E 235 -27.26 21.33 5.14
CA TYR E 235 -27.47 22.12 6.33
C TYR E 235 -28.17 23.44 5.98
N PRO E 236 -28.93 24.04 6.91
CA PRO E 236 -29.25 23.62 8.28
C PRO E 236 -30.29 22.50 8.31
N LEU E 237 -30.24 21.63 9.32
CA LEU E 237 -31.15 20.50 9.41
C LEU E 237 -32.48 20.96 9.98
N THR E 238 -33.54 20.81 9.19
CA THR E 238 -34.87 21.31 9.53
C THR E 238 -35.75 20.14 9.94
N PHE E 239 -36.29 20.20 11.14
CA PHE E 239 -37.16 19.18 11.69
C PHE E 239 -38.62 19.47 11.32
N GLY E 240 -39.48 18.49 11.57
CA GLY E 240 -40.90 18.67 11.35
C GLY E 240 -41.59 19.29 12.55
N ALA E 241 -42.85 19.67 12.33
CA ALA E 241 -43.64 20.23 13.42
C ALA E 241 -44.00 19.19 14.46
N GLY E 242 -44.08 17.92 14.08
CA GLY E 242 -44.40 16.84 14.98
C GLY E 242 -45.88 16.49 14.94
N THR E 243 -46.18 15.21 15.13
CA THR E 243 -47.55 14.68 15.11
C THR E 243 -47.73 13.82 16.36
N LYS E 244 -48.44 14.36 17.35
CA LYS E 244 -48.63 13.67 18.60
C LYS E 244 -49.75 12.63 18.49
N LEU E 245 -49.50 11.45 19.01
CA LEU E 245 -50.50 10.39 19.10
C LEU E 245 -51.20 10.43 20.46
#